data_8D4S
#
_entry.id   8D4S
#
_cell.length_a   158.189
_cell.length_b   165.650
_cell.length_c   321.934
_cell.angle_alpha   90.000
_cell.angle_beta   90.000
_cell.angle_gamma   90.000
#
_symmetry.space_group_name_H-M   'F 2 2 2'
#
loop_
_entity.id
_entity.type
_entity.pdbx_description
1 polymer 'Cathepsin G, C-terminal truncated form'
2 polymer 'Extracellular Adherence Protein'
3 non-polymer 2-acetamido-2-deoxy-beta-D-glucopyranose
4 water water
#
loop_
_entity_poly.entity_id
_entity_poly.type
_entity_poly.pdbx_seq_one_letter_code
_entity_poly.pdbx_strand_id
1 'polypeptide(L)'
;IIGGRESRPHSRPYMAYLQIQSPAGQSRCGGFLVREDFVLTAAHCWGSNINVTLGAHNIQRRENTQQHITARRAIRHPQY
NQRTIQNDIMLLQLSRRVRRNRNVNPVALPRAQEGLRPGTLCTVAGWGRVSMRRGTDTLREVQLRVQRDRQCLRIFGSYD
PRRQICVGDRRERKAAFKGDSGGPLLCNNVAHGIVSYGKSSGVPPEVFTRVSSFLPWIRTTMR
;
A,C,E,G
2 'polypeptide(L)'
;GSTIQIPYTITVNGTSQNILSSLTFNKNQNISYKDIENKVKSVLYFNRGISDIDLRLSKQAEYTVHFKNGTKRVIDLKSG
IYTADLINTSDIKAISVNVD
;
F,B,H,D
#
# COMPACT_ATOMS: atom_id res chain seq x y z
N ILE A 1 1.45 17.88 -4.15
CA ILE A 1 0.34 17.57 -5.05
C ILE A 1 -0.84 17.01 -4.26
N ILE A 2 -1.98 17.69 -4.31
CA ILE A 2 -3.19 17.25 -3.65
C ILE A 2 -4.05 16.50 -4.68
N GLY A 3 -4.55 15.33 -4.29
CA GLY A 3 -5.51 14.61 -5.11
C GLY A 3 -4.95 13.94 -6.34
N GLY A 4 -3.63 13.76 -6.42
CA GLY A 4 -3.00 13.16 -7.55
C GLY A 4 -2.57 11.74 -7.30
N ARG A 5 -1.66 11.26 -8.14
CA ARG A 5 -1.18 9.90 -8.08
C ARG A 5 0.33 9.93 -8.25
N GLU A 6 0.98 8.84 -7.85
CA GLU A 6 2.42 8.75 -8.04
C GLU A 6 2.74 8.64 -9.54
N SER A 7 3.74 9.38 -9.97
CA SER A 7 4.12 9.31 -11.38
C SER A 7 4.78 7.97 -11.67
N ARG A 8 4.63 7.50 -12.90
CA ARG A 8 5.49 6.41 -13.34
C ARG A 8 6.92 6.91 -13.26
N PRO A 9 7.86 6.13 -12.73
CA PRO A 9 9.21 6.65 -12.47
C PRO A 9 9.90 7.09 -13.75
N HIS A 10 10.51 8.28 -13.70
CA HIS A 10 11.25 8.88 -14.80
C HIS A 10 10.39 9.11 -16.04
N SER A 11 9.06 9.11 -15.87
CA SER A 11 8.18 9.50 -16.96
C SER A 11 8.21 10.99 -17.23
N ARG A 12 8.79 11.79 -16.33
CA ARG A 12 8.88 13.24 -16.50
C ARG A 12 10.32 13.66 -16.29
N PRO A 13 11.18 13.38 -17.28
CA PRO A 13 12.63 13.54 -17.09
C PRO A 13 13.13 14.97 -17.04
N TYR A 14 12.27 15.97 -17.26
CA TYR A 14 12.61 17.37 -17.10
C TYR A 14 12.48 17.87 -15.68
N MET A 15 11.90 17.08 -14.77
CA MET A 15 11.62 17.56 -13.42
C MET A 15 12.90 17.78 -12.63
N ALA A 16 12.96 18.91 -11.94
CA ALA A 16 14.07 19.28 -11.09
C ALA A 16 13.57 19.43 -9.66
N TYR A 17 14.37 18.98 -8.71
CA TYR A 17 14.08 19.15 -7.29
C TYR A 17 15.11 20.12 -6.72
N LEU A 18 14.63 21.14 -6.02
CA LEU A 18 15.49 22.24 -5.57
C LEU A 18 15.60 22.27 -4.05
N GLN A 19 16.84 22.31 -3.55
CA GLN A 19 17.09 22.53 -2.13
C GLN A 19 17.71 23.90 -1.97
N ILE A 20 17.09 24.73 -1.15
CA ILE A 20 17.35 26.17 -1.13
C ILE A 20 17.72 26.58 0.29
N GLN A 21 18.82 27.31 0.43
CA GLN A 21 19.20 27.88 1.71
C GLN A 21 18.50 29.22 1.88
N SER A 22 17.82 29.40 3.01
CA SER A 22 16.97 30.56 3.24
C SER A 22 17.05 30.91 4.71
N PRO A 23 17.78 31.95 5.08
CA PRO A 23 17.85 32.35 6.49
C PRO A 23 16.45 32.67 7.02
N ALA A 24 16.08 32.00 8.12
CA ALA A 24 16.97 31.15 8.89
C ALA A 24 16.54 29.68 8.89
N GLY A 25 16.63 29.04 7.73
CA GLY A 25 16.25 27.65 7.56
C GLY A 25 16.42 27.20 6.11
N GLN A 26 15.56 26.30 5.65
CA GLN A 26 15.72 25.74 4.33
C GLN A 26 14.37 25.73 3.63
N SER A 27 14.42 25.66 2.29
CA SER A 27 13.21 25.59 1.50
C SER A 27 13.41 24.53 0.41
N ARG A 28 12.27 24.02 -0.06
CA ARG A 28 12.23 23.05 -1.15
C ARG A 28 11.22 23.51 -2.19
N CYS A 29 11.61 23.42 -3.46
CA CYS A 29 10.77 23.75 -4.60
C CYS A 29 10.96 22.67 -5.66
N GLY A 30 10.14 22.76 -6.71
CA GLY A 30 10.39 22.06 -7.94
C GLY A 30 10.91 23.02 -8.99
N GLY A 31 11.04 22.51 -10.20
CA GLY A 31 11.55 23.26 -11.33
C GLY A 31 11.58 22.31 -12.50
N PHE A 32 12.02 22.83 -13.65
CA PHE A 32 12.11 21.94 -14.80
C PHE A 32 13.21 22.39 -15.74
N LEU A 33 13.88 21.40 -16.30
CA LEU A 33 14.98 21.60 -17.23
C LEU A 33 14.44 22.12 -18.56
N VAL A 34 14.95 23.26 -19.01
CA VAL A 34 14.57 23.77 -20.33
C VAL A 34 15.72 23.78 -21.33
N ARG A 35 16.95 23.53 -20.88
CA ARG A 35 18.11 23.33 -21.73
C ARG A 35 19.13 22.63 -20.85
N GLU A 36 20.16 22.05 -21.47
CA GLU A 36 21.10 21.24 -20.69
C GLU A 36 21.73 22.00 -19.53
N ASP A 37 21.74 23.34 -19.57
CA ASP A 37 22.38 24.14 -18.54
C ASP A 37 21.41 25.04 -17.76
N PHE A 38 20.10 24.94 -18.00
CA PHE A 38 19.14 25.87 -17.41
C PHE A 38 17.90 25.18 -16.87
N VAL A 39 17.55 25.52 -15.64
CA VAL A 39 16.30 25.10 -15.03
C VAL A 39 15.44 26.34 -14.85
N LEU A 40 14.16 26.20 -15.19
CA LEU A 40 13.16 27.25 -14.98
C LEU A 40 12.38 26.95 -13.70
N THR A 41 12.11 27.98 -12.91
CA THR A 41 11.41 27.77 -11.65
C THR A 41 10.76 29.10 -11.26
N ALA A 42 10.26 29.18 -10.03
CA ALA A 42 9.65 30.39 -9.52
C ALA A 42 10.69 31.29 -8.89
N ALA A 43 10.47 32.61 -9.01
CA ALA A 43 11.37 33.56 -8.39
C ALA A 43 11.35 33.47 -6.87
N HIS A 44 10.23 33.09 -6.25
CA HIS A 44 10.24 33.02 -4.79
C HIS A 44 10.98 31.78 -4.28
N CYS A 45 11.46 30.93 -5.17
CA CYS A 45 12.37 29.86 -4.80
C CYS A 45 13.84 30.31 -4.77
N TRP A 46 14.11 31.61 -4.83
CA TRP A 46 15.49 32.09 -4.87
C TRP A 46 16.18 31.89 -3.53
N GLY A 47 17.50 31.72 -3.59
CA GLY A 47 18.32 31.71 -2.39
C GLY A 47 19.77 31.89 -2.80
N SER A 48 20.60 32.22 -1.80
CA SER A 48 22.02 32.40 -2.04
C SER A 48 22.71 31.09 -2.41
N ASN A 49 22.09 29.95 -2.10
CA ASN A 49 22.70 28.65 -2.27
C ASN A 49 21.59 27.68 -2.67
N ILE A 50 21.67 27.13 -3.88
CA ILE A 50 20.65 26.22 -4.41
C ILE A 50 21.32 24.99 -4.99
N ASN A 51 20.93 23.81 -4.49
CA ASN A 51 21.30 22.53 -5.11
C ASN A 51 20.13 22.01 -5.91
N VAL A 52 20.43 21.51 -7.11
CA VAL A 52 19.42 21.00 -8.04
C VAL A 52 19.64 19.51 -8.21
N THR A 53 18.56 18.74 -8.13
CA THR A 53 18.62 17.31 -8.41
C THR A 53 17.75 17.00 -9.62
N LEU A 54 18.37 16.39 -10.64
CA LEU A 54 17.68 15.89 -11.82
C LEU A 54 17.66 14.37 -11.79
N GLY A 55 16.73 13.78 -12.53
CA GLY A 55 16.71 12.34 -12.68
C GLY A 55 16.11 11.63 -11.50
N ALA A 56 15.41 12.34 -10.63
CA ALA A 56 14.96 11.78 -9.37
C ALA A 56 13.56 11.20 -9.52
N HIS A 57 13.31 10.13 -8.79
CA HIS A 57 11.93 9.75 -8.51
C HIS A 57 11.68 9.79 -7.02
N ASN A 58 12.42 9.01 -6.24
CA ASN A 58 12.38 9.04 -4.78
C ASN A 58 13.49 9.97 -4.32
N ILE A 59 13.13 11.21 -3.94
CA ILE A 59 14.17 12.19 -3.61
C ILE A 59 14.79 11.97 -2.25
N GLN A 60 14.19 11.10 -1.42
CA GLN A 60 14.78 10.75 -0.12
C GLN A 60 15.84 9.66 -0.22
N ARG A 61 15.98 9.02 -1.37
CA ARG A 61 17.02 8.04 -1.61
C ARG A 61 18.07 8.64 -2.54
N ARG A 62 19.32 8.22 -2.37
CA ARG A 62 20.35 8.63 -3.31
C ARG A 62 20.37 7.63 -4.46
N GLU A 63 19.44 7.83 -5.38
CA GLU A 63 19.19 6.95 -6.52
C GLU A 63 20.35 7.03 -7.52
N ASN A 64 20.54 5.94 -8.26
CA ASN A 64 21.66 5.90 -9.20
C ASN A 64 21.40 6.69 -10.47
N THR A 65 20.17 7.16 -10.69
CA THR A 65 19.84 8.00 -11.83
C THR A 65 19.95 9.50 -11.53
N GLN A 66 20.14 9.88 -10.28
CA GLN A 66 20.09 11.29 -9.93
C GLN A 66 21.37 11.99 -10.34
N GLN A 67 21.25 13.24 -10.79
CA GLN A 67 22.39 14.11 -11.00
C GLN A 67 22.26 15.29 -10.07
N HIS A 68 23.31 15.59 -9.32
CA HIS A 68 23.28 16.67 -8.32
C HIS A 68 24.18 17.79 -8.84
N ILE A 69 23.60 18.96 -9.05
CA ILE A 69 24.31 20.08 -9.66
C ILE A 69 23.94 21.35 -8.90
N THR A 70 24.94 22.11 -8.47
CA THR A 70 24.62 23.39 -7.87
C THR A 70 24.23 24.42 -8.93
N ALA A 71 23.44 25.41 -8.52
CA ALA A 71 23.14 26.53 -9.38
C ALA A 71 24.31 27.50 -9.40
N ARG A 72 24.78 27.84 -10.59
CA ARG A 72 25.83 28.85 -10.72
C ARG A 72 25.24 30.26 -10.53
N ARG A 73 24.14 30.54 -11.22
CA ARG A 73 23.44 31.81 -11.13
C ARG A 73 21.96 31.53 -10.97
N ALA A 74 21.29 32.39 -10.21
CA ALA A 74 19.86 32.28 -9.94
C ALA A 74 19.27 33.62 -10.33
N ILE A 75 18.61 33.67 -11.49
CA ILE A 75 18.32 34.91 -12.20
C ILE A 75 16.81 35.13 -12.14
N ARG A 76 16.35 35.92 -11.18
CA ARG A 76 14.94 36.28 -11.03
C ARG A 76 14.58 37.32 -12.07
N HIS A 77 13.29 37.36 -12.42
CA HIS A 77 12.82 38.41 -13.29
C HIS A 77 13.11 39.76 -12.65
N PRO A 78 13.57 40.73 -13.43
CA PRO A 78 13.91 42.04 -12.87
C PRO A 78 12.73 42.75 -12.22
N GLN A 79 11.50 42.43 -12.59
CA GLN A 79 10.32 43.06 -12.00
C GLN A 79 9.58 42.14 -11.04
N TYR A 80 10.22 41.06 -10.59
CA TYR A 80 9.64 40.24 -9.55
C TYR A 80 9.22 41.10 -8.36
N ASN A 81 8.01 40.88 -7.88
CA ASN A 81 7.44 41.63 -6.75
C ASN A 81 7.11 40.61 -5.67
N GLN A 82 7.91 40.59 -4.59
CA GLN A 82 7.74 39.57 -3.54
C GLN A 82 6.39 39.70 -2.83
N ARG A 83 5.91 40.93 -2.67
CA ARG A 83 4.74 41.14 -1.81
C ARG A 83 3.47 40.64 -2.50
N THR A 84 3.33 40.92 -3.79
CA THR A 84 2.18 40.49 -4.58
C THR A 84 2.42 39.21 -5.35
N ILE A 85 3.64 38.67 -5.33
CA ILE A 85 4.04 37.47 -6.08
C ILE A 85 3.79 37.67 -7.57
N GLN A 86 4.17 38.82 -8.10
CA GLN A 86 4.01 39.11 -9.53
C GLN A 86 5.33 38.92 -10.27
N ASN A 87 5.24 38.56 -11.55
CA ASN A 87 6.42 38.24 -12.37
C ASN A 87 7.28 37.18 -11.69
N ASP A 88 6.64 36.10 -11.27
CA ASP A 88 7.26 35.11 -10.39
C ASP A 88 7.95 34.04 -11.25
N ILE A 89 9.12 34.39 -11.78
CA ILE A 89 9.82 33.48 -12.68
C ILE A 89 11.32 33.68 -12.50
N MET A 90 12.05 32.57 -12.54
CA MET A 90 13.49 32.60 -12.29
C MET A 90 14.16 31.55 -13.14
N LEU A 91 15.34 31.87 -13.67
CA LEU A 91 16.19 30.93 -14.39
C LEU A 91 17.41 30.56 -13.54
N LEU A 92 17.65 29.26 -13.37
CA LEU A 92 18.85 28.77 -12.73
C LEU A 92 19.81 28.30 -13.82
N GLN A 93 20.96 28.95 -13.91
CA GLN A 93 22.03 28.41 -14.73
C GLN A 93 22.77 27.38 -13.90
N LEU A 94 22.87 26.17 -14.42
CA LEU A 94 23.53 25.10 -13.68
C LEU A 94 25.05 25.25 -13.77
N SER A 95 25.72 24.78 -12.72
CA SER A 95 27.17 24.94 -12.70
C SER A 95 27.86 24.04 -13.73
N ARG A 96 27.21 22.96 -14.16
CA ARG A 96 27.65 22.20 -15.32
C ARG A 96 26.42 21.72 -16.05
N ARG A 97 26.58 21.35 -17.32
CA ARG A 97 25.46 20.81 -18.08
C ARG A 97 25.11 19.43 -17.56
N VAL A 98 23.81 19.10 -17.60
CA VAL A 98 23.38 17.75 -17.26
C VAL A 98 23.95 16.76 -18.27
N ARG A 99 24.11 15.52 -17.81
CA ARG A 99 24.32 14.38 -18.69
C ARG A 99 22.96 13.97 -19.23
N ARG A 100 22.73 14.25 -20.50
CA ARG A 100 21.42 14.02 -21.09
C ARG A 100 21.22 12.54 -21.32
N ASN A 101 20.09 12.01 -20.88
CA ASN A 101 19.74 10.61 -21.18
C ASN A 101 18.22 10.48 -21.08
N ARG A 102 17.75 9.22 -21.14
CA ARG A 102 16.31 8.94 -21.10
C ARG A 102 15.64 9.49 -19.85
N ASN A 103 16.37 9.57 -18.73
CA ASN A 103 15.77 9.98 -17.47
C ASN A 103 16.04 11.43 -17.14
N VAL A 104 16.83 12.13 -17.96
CA VAL A 104 17.19 13.54 -17.74
C VAL A 104 17.22 14.21 -19.10
N ASN A 105 16.23 15.04 -19.42
CA ASN A 105 16.27 15.81 -20.65
C ASN A 105 15.23 16.93 -20.57
N PRO A 106 15.41 18.01 -21.33
CA PRO A 106 14.59 19.20 -21.15
C PRO A 106 13.19 19.08 -21.75
N VAL A 107 12.31 19.99 -21.32
CA VAL A 107 10.95 20.06 -21.85
C VAL A 107 10.84 21.30 -22.74
N ALA A 108 10.04 21.18 -23.79
CA ALA A 108 9.81 22.32 -24.69
C ALA A 108 9.03 23.44 -24.02
N LEU A 109 9.28 24.66 -24.46
CA LEU A 109 8.55 25.87 -24.10
C LEU A 109 7.62 26.28 -25.24
N PRO A 110 6.54 27.00 -24.94
CA PRO A 110 5.60 27.38 -26.00
C PRO A 110 6.20 28.43 -26.92
N ARG A 111 5.45 28.81 -27.95
CA ARG A 111 5.93 29.92 -28.76
C ARG A 111 5.35 31.24 -28.22
N ALA A 112 5.88 32.34 -28.77
CA ALA A 112 5.61 33.70 -28.33
C ALA A 112 4.14 33.91 -28.02
N GLN A 113 3.87 34.33 -26.78
CA GLN A 113 2.56 34.37 -26.12
C GLN A 113 1.50 33.52 -26.81
N GLU A 114 1.83 32.26 -27.03
CA GLU A 114 0.84 31.24 -27.33
C GLU A 114 -0.17 31.17 -26.18
N GLY A 115 -1.46 31.09 -26.52
CA GLY A 115 -2.51 31.09 -25.52
C GLY A 115 -2.82 29.70 -24.98
N LEU A 116 -3.85 29.66 -24.12
CA LEU A 116 -4.23 28.44 -23.42
C LEU A 116 -5.72 28.52 -23.09
N ARG A 117 -6.54 27.63 -23.66
CA ARG A 117 -7.98 27.70 -23.45
C ARG A 117 -8.33 27.53 -21.97
N PRO A 118 -9.26 28.33 -21.44
CA PRO A 118 -10.07 27.85 -20.32
C PRO A 118 -10.70 26.53 -20.71
N GLY A 119 -10.49 25.51 -19.87
CA GLY A 119 -10.94 24.19 -20.18
C GLY A 119 -9.87 23.29 -20.77
N THR A 120 -8.68 23.82 -21.04
CA THR A 120 -7.58 22.97 -21.48
C THR A 120 -7.17 22.05 -20.34
N LEU A 121 -6.84 20.81 -20.69
CA LEU A 121 -6.41 19.81 -19.73
C LEU A 121 -4.89 19.84 -19.63
N CYS A 122 -4.38 20.06 -18.42
CA CYS A 122 -2.94 20.18 -18.18
C CYS A 122 -2.54 19.30 -17.00
N THR A 123 -1.26 18.96 -16.93
CA THR A 123 -0.69 18.16 -15.85
C THR A 123 0.37 18.94 -15.09
N VAL A 124 0.31 18.87 -13.76
CA VAL A 124 1.32 19.44 -12.89
C VAL A 124 1.89 18.30 -12.03
N ALA A 125 3.20 18.34 -11.79
CA ALA A 125 3.87 17.31 -11.00
C ALA A 125 4.82 17.94 -10.00
N GLY A 126 5.05 17.25 -8.90
CA GLY A 126 6.13 17.65 -8.00
C GLY A 126 6.18 16.78 -6.77
N TRP A 127 7.08 17.15 -5.86
CA TRP A 127 7.29 16.45 -4.60
C TRP A 127 6.66 17.17 -3.40
N GLY A 128 5.70 18.07 -3.63
CA GLY A 128 5.14 18.83 -2.54
C GLY A 128 4.24 17.98 -1.66
N ARG A 129 3.82 18.58 -0.54
CA ARG A 129 2.87 17.94 0.38
C ARG A 129 1.61 17.50 -0.34
N VAL A 130 1.02 16.39 0.13
CA VAL A 130 -0.22 15.86 -0.45
C VAL A 130 -1.45 16.24 0.37
N SER A 131 -1.27 16.86 1.52
CA SER A 131 -2.34 17.31 2.40
C SER A 131 -1.70 18.24 3.42
N MET A 132 -2.50 18.78 4.32
CA MET A 132 -1.95 19.55 5.42
C MET A 132 -1.28 18.69 6.48
N ARG A 133 -1.32 17.36 6.34
CA ARG A 133 -0.72 16.45 7.33
C ARG A 133 0.31 15.49 6.77
N ARG A 134 0.44 15.36 5.44
CA ARG A 134 1.22 14.28 4.86
C ARG A 134 2.05 14.80 3.69
N GLY A 135 3.25 14.25 3.55
CA GLY A 135 4.12 14.53 2.43
C GLY A 135 4.25 13.34 1.50
N THR A 136 5.25 13.41 0.62
CA THR A 136 5.59 12.31 -0.27
C THR A 136 7.10 12.26 -0.46
N ASP A 137 7.62 11.03 -0.61
CA ASP A 137 9.00 10.84 -1.02
C ASP A 137 9.17 10.77 -2.54
N THR A 138 8.12 10.41 -3.27
CA THR A 138 8.21 10.18 -4.71
C THR A 138 7.40 11.23 -5.47
N LEU A 139 7.75 11.36 -6.75
CA LEU A 139 7.10 12.31 -7.65
C LEU A 139 5.64 11.96 -7.85
N ARG A 140 4.76 12.93 -7.66
CA ARG A 140 3.34 12.77 -7.91
C ARG A 140 2.89 13.76 -8.99
N GLU A 141 1.70 13.50 -9.53
CA GLU A 141 1.15 14.36 -10.58
C GLU A 141 -0.37 14.35 -10.51
N VAL A 142 -0.98 15.36 -11.13
CA VAL A 142 -2.43 15.47 -11.19
C VAL A 142 -2.79 16.27 -12.42
N GLN A 143 -3.94 15.95 -13.02
CA GLN A 143 -4.44 16.72 -14.15
C GLN A 143 -5.35 17.84 -13.64
N LEU A 144 -5.17 19.03 -14.19
CA LEU A 144 -5.94 20.20 -13.80
C LEU A 144 -6.46 20.90 -15.06
N ARG A 145 -7.53 21.69 -14.88
CA ARG A 145 -8.15 22.42 -15.97
C ARG A 145 -7.89 23.91 -15.84
N VAL A 146 -7.44 24.53 -16.94
CA VAL A 146 -7.35 25.98 -16.98
C VAL A 146 -8.74 26.56 -16.76
N GLN A 147 -8.83 27.57 -15.91
CA GLN A 147 -10.07 28.23 -15.54
C GLN A 147 -10.26 29.52 -16.33
N ARG A 148 -11.51 29.97 -16.39
CA ARG A 148 -11.75 31.36 -16.76
C ARG A 148 -11.07 32.28 -15.75
N ASP A 149 -10.57 33.41 -16.25
CA ASP A 149 -9.84 34.35 -15.39
C ASP A 149 -10.69 34.84 -14.24
N ARG A 150 -12.00 35.02 -14.47
CA ARG A 150 -12.90 35.55 -13.44
C ARG A 150 -12.77 34.79 -12.12
N GLN A 151 -12.45 33.50 -12.18
CA GLN A 151 -12.36 32.70 -10.97
C GLN A 151 -11.24 33.18 -10.05
N CYS A 152 -10.09 33.53 -10.63
CA CYS A 152 -8.99 34.07 -9.84
C CYS A 152 -9.12 35.57 -9.61
N LEU A 153 -9.74 36.29 -10.55
CA LEU A 153 -9.88 37.74 -10.42
C LEU A 153 -10.61 38.13 -9.15
N ARG A 154 -11.57 37.34 -8.72
CA ARG A 154 -12.35 37.81 -7.58
C ARG A 154 -11.81 37.31 -6.25
N ILE A 155 -10.90 36.34 -6.22
CA ILE A 155 -10.33 35.91 -4.95
C ILE A 155 -8.88 36.36 -4.77
N PHE A 156 -8.13 36.61 -5.85
CA PHE A 156 -6.72 37.01 -5.77
C PHE A 156 -6.59 38.43 -6.29
N GLY A 157 -6.45 39.40 -5.37
CA GLY A 157 -6.48 40.80 -5.75
C GLY A 157 -5.33 41.24 -6.64
N SER A 158 -4.28 40.42 -6.78
CA SER A 158 -3.14 40.79 -7.62
C SER A 158 -2.97 39.84 -8.80
N TYR A 159 -3.92 38.96 -9.05
CA TYR A 159 -3.83 38.09 -10.22
C TYR A 159 -3.93 38.94 -11.47
N ASP A 160 -3.08 38.64 -12.45
CA ASP A 160 -3.02 39.38 -13.72
C ASP A 160 -3.03 38.37 -14.84
N PRO A 161 -4.13 38.26 -15.59
CA PRO A 161 -4.22 37.22 -16.64
C PRO A 161 -3.28 37.43 -17.81
N ARG A 162 -2.64 38.59 -17.97
CA ARG A 162 -1.61 38.69 -19.01
C ARG A 162 -0.35 37.95 -18.63
N ARG A 163 -0.05 37.81 -17.34
CA ARG A 163 1.20 37.21 -16.91
C ARG A 163 1.01 35.92 -16.13
N GLN A 164 -0.22 35.54 -15.82
CA GLN A 164 -0.50 34.42 -14.94
C GLN A 164 -1.66 33.63 -15.51
N ILE A 165 -1.81 32.39 -15.05
CA ILE A 165 -2.86 31.48 -15.47
C ILE A 165 -3.65 31.07 -14.26
N CYS A 166 -4.97 31.08 -14.39
CA CYS A 166 -5.88 30.61 -13.36
C CYS A 166 -6.16 29.14 -13.60
N VAL A 167 -5.80 28.28 -12.64
CA VAL A 167 -5.82 26.83 -12.86
C VAL A 167 -6.51 26.16 -11.68
N GLY A 168 -7.30 25.14 -11.98
CA GLY A 168 -7.90 24.32 -10.94
C GLY A 168 -9.37 24.59 -10.78
N ASP A 169 -10.18 23.54 -10.88
CA ASP A 169 -11.60 23.63 -10.63
C ASP A 169 -11.84 23.63 -9.12
N ARG A 170 -12.55 24.64 -8.61
CA ARG A 170 -12.81 24.72 -7.17
C ARG A 170 -13.70 23.60 -6.66
N ARG A 171 -14.41 22.90 -7.53
CA ARG A 171 -15.24 21.80 -7.09
C ARG A 171 -14.47 20.51 -6.85
N GLU A 172 -13.19 20.47 -7.19
CA GLU A 172 -12.34 19.29 -7.04
C GLU A 172 -11.20 19.57 -6.07
N ARG A 173 -10.88 18.60 -5.22
CA ARG A 173 -9.71 18.71 -4.36
C ARG A 173 -8.46 18.23 -5.11
N LYS A 174 -8.07 19.00 -6.13
CA LYS A 174 -6.87 18.75 -6.91
C LYS A 174 -6.11 20.07 -7.03
N ALA A 175 -4.81 20.03 -6.77
CA ALA A 175 -4.05 21.26 -6.62
C ALA A 175 -2.57 20.93 -6.49
N ALA A 176 -1.74 21.86 -6.95
CA ALA A 176 -0.35 21.85 -6.51
C ALA A 176 -0.29 22.50 -5.13
N PHE A 177 0.69 22.09 -4.33
CA PHE A 177 0.69 22.50 -2.91
C PHE A 177 2.11 22.79 -2.45
N LYS A 178 2.33 22.75 -1.14
CA LYS A 178 3.58 23.25 -0.56
C LYS A 178 4.74 22.36 -0.95
N GLY A 179 5.73 22.92 -1.66
CA GLY A 179 6.79 22.13 -2.24
C GLY A 179 6.71 21.98 -3.76
N ASP A 180 5.57 22.29 -4.38
CA ASP A 180 5.42 22.18 -5.82
C ASP A 180 5.73 23.47 -6.58
N SER A 181 5.91 24.60 -5.88
CA SER A 181 6.36 25.85 -6.50
C SER A 181 7.50 25.61 -7.48
N GLY A 182 7.45 26.29 -8.62
CA GLY A 182 8.47 26.17 -9.65
C GLY A 182 8.28 25.04 -10.63
N GLY A 183 7.45 24.04 -10.28
CA GLY A 183 7.20 22.94 -11.19
C GLY A 183 6.40 23.38 -12.41
N PRO A 184 6.44 22.59 -13.47
CA PRO A 184 5.76 22.97 -14.72
C PRO A 184 4.28 22.59 -14.75
N LEU A 185 3.51 23.41 -15.47
CA LEU A 185 2.19 23.03 -15.95
C LEU A 185 2.35 22.59 -17.41
N LEU A 186 2.12 21.31 -17.67
CA LEU A 186 2.31 20.75 -19.00
C LEU A 186 0.97 20.54 -19.70
N CYS A 187 0.85 21.08 -20.90
CA CYS A 187 -0.33 20.89 -21.72
C CYS A 187 0.17 20.54 -23.11
N ASN A 188 -0.25 19.38 -23.62
CA ASN A 188 0.27 18.87 -24.89
C ASN A 188 1.79 18.80 -24.91
N ASN A 189 2.37 18.36 -23.79
CA ASN A 189 3.81 18.12 -23.67
C ASN A 189 4.64 19.40 -23.81
N VAL A 190 4.07 20.56 -23.50
CA VAL A 190 4.80 21.81 -23.49
C VAL A 190 4.55 22.48 -22.15
N ALA A 191 5.58 23.12 -21.59
CA ALA A 191 5.46 23.77 -20.29
C ALA A 191 4.93 25.19 -20.47
N HIS A 192 3.65 25.39 -20.17
CA HIS A 192 3.00 26.69 -20.27
C HIS A 192 2.97 27.46 -18.97
N GLY A 193 3.19 26.81 -17.83
CA GLY A 193 3.01 27.46 -16.56
C GLY A 193 4.06 27.01 -15.55
N ILE A 194 4.21 27.82 -14.52
CA ILE A 194 5.08 27.52 -13.39
C ILE A 194 4.23 27.65 -12.13
N VAL A 195 4.22 26.60 -11.29
CA VAL A 195 3.46 26.67 -10.05
C VAL A 195 3.90 27.90 -9.27
N SER A 196 2.94 28.71 -8.82
CA SER A 196 3.32 29.91 -8.11
C SER A 196 2.64 30.02 -6.74
N TYR A 197 1.35 30.33 -6.68
CA TYR A 197 0.76 30.52 -5.36
C TYR A 197 -0.70 30.09 -5.34
N GLY A 198 -1.25 30.01 -4.13
CA GLY A 198 -2.66 29.75 -3.95
C GLY A 198 -3.17 30.21 -2.60
N LYS A 199 -4.22 29.55 -2.12
CA LYS A 199 -4.66 29.70 -0.75
C LYS A 199 -3.89 28.74 0.15
N SER A 200 -3.74 29.12 1.42
CA SER A 200 -3.02 28.25 2.35
C SER A 200 -3.69 26.90 2.55
N SER A 201 -5.02 26.83 2.34
CA SER A 201 -5.75 25.58 2.43
C SER A 201 -5.52 24.65 1.25
N GLY A 202 -4.92 25.12 0.18
CA GLY A 202 -4.80 24.30 -1.02
C GLY A 202 -6.07 24.17 -1.82
N VAL A 203 -7.16 24.80 -1.41
CA VAL A 203 -8.41 24.77 -2.19
C VAL A 203 -8.21 25.59 -3.46
N PRO A 204 -8.55 25.07 -4.63
CA PRO A 204 -8.32 25.82 -5.87
C PRO A 204 -9.40 26.87 -6.07
N PRO A 205 -9.26 27.78 -7.04
CA PRO A 205 -8.21 27.90 -8.06
C PRO A 205 -6.87 28.33 -7.49
N GLU A 206 -5.81 28.09 -8.25
CA GLU A 206 -4.49 28.58 -7.88
C GLU A 206 -3.88 29.27 -9.10
N VAL A 207 -2.80 30.00 -8.85
CA VAL A 207 -2.22 30.90 -9.85
C VAL A 207 -0.88 30.34 -10.29
N PHE A 208 -0.70 30.22 -11.61
CA PHE A 208 0.56 29.84 -12.22
C PHE A 208 1.12 31.04 -12.96
N THR A 209 2.44 31.13 -13.01
CA THR A 209 3.08 32.10 -13.90
C THR A 209 2.90 31.62 -15.34
N ARG A 210 2.54 32.53 -16.23
CA ARG A 210 2.30 32.20 -17.64
C ARG A 210 3.61 32.29 -18.43
N VAL A 211 4.18 31.13 -18.79
CA VAL A 211 5.53 31.11 -19.38
C VAL A 211 5.58 31.92 -20.67
N SER A 212 4.55 31.83 -21.50
CA SER A 212 4.62 32.48 -22.81
C SER A 212 4.71 33.99 -22.69
N SER A 213 4.28 34.56 -21.58
CA SER A 213 4.41 35.99 -21.38
C SER A 213 5.84 36.43 -21.17
N PHE A 214 6.74 35.51 -20.88
CA PHE A 214 8.12 35.85 -20.55
C PHE A 214 9.11 35.28 -21.55
N LEU A 215 8.66 34.79 -22.71
CA LEU A 215 9.59 34.17 -23.64
C LEU A 215 10.72 35.09 -24.07
N PRO A 216 10.49 36.36 -24.39
CA PRO A 216 11.64 37.20 -24.77
C PRO A 216 12.63 37.38 -23.64
N TRP A 217 12.16 37.53 -22.39
CA TRP A 217 13.08 37.58 -21.27
C TRP A 217 13.82 36.25 -21.10
N ILE A 218 13.13 35.13 -21.31
CA ILE A 218 13.79 33.83 -21.12
C ILE A 218 14.93 33.68 -22.11
N ARG A 219 14.68 34.00 -23.37
CA ARG A 219 15.68 33.78 -24.42
C ARG A 219 16.87 34.71 -24.26
N THR A 220 16.61 35.99 -23.93
CA THR A 220 17.71 36.91 -23.69
C THR A 220 18.59 36.45 -22.52
N THR A 221 17.95 35.95 -21.46
CA THR A 221 18.69 35.59 -20.25
C THR A 221 19.54 34.35 -20.46
N MET A 222 19.06 33.38 -21.25
CA MET A 222 19.82 32.16 -21.49
C MET A 222 20.96 32.34 -22.49
N ARG A 223 21.06 33.48 -23.17
CA ARG A 223 22.15 33.71 -24.10
C ARG A 223 23.20 34.68 -23.56
N ILE B 1 -2.03 18.46 47.94
CA ILE B 1 -0.90 18.70 48.82
C ILE B 1 -1.28 19.74 49.86
N ILE B 2 -1.21 19.38 51.16
CA ILE B 2 -1.47 20.31 52.25
C ILE B 2 -0.15 20.92 52.71
N GLY B 3 -0.15 22.24 52.93
CA GLY B 3 0.96 22.91 53.55
C GLY B 3 2.19 23.05 52.68
N GLY B 4 2.07 22.81 51.38
CA GLY B 4 3.19 22.93 50.47
C GLY B 4 3.16 24.21 49.66
N ARG B 5 3.86 24.20 48.52
CA ARG B 5 4.02 25.38 47.68
C ARG B 5 3.89 24.97 46.22
N GLU B 6 3.63 25.96 45.36
CA GLU B 6 3.54 25.66 43.94
C GLU B 6 4.91 25.20 43.43
N SER B 7 4.91 24.11 42.65
CA SER B 7 6.15 23.65 42.03
C SER B 7 6.62 24.67 41.02
N ARG B 8 7.94 24.73 40.85
CA ARG B 8 8.46 25.40 39.67
C ARG B 8 7.99 24.64 38.43
N PRO B 9 7.49 25.34 37.41
CA PRO B 9 6.89 24.66 36.26
C PRO B 9 7.84 23.66 35.60
N HIS B 10 7.37 22.43 35.46
CA HIS B 10 8.07 21.36 34.76
C HIS B 10 9.37 20.96 35.45
N SER B 11 9.53 21.34 36.72
CA SER B 11 10.66 20.88 37.52
C SER B 11 10.54 19.41 37.93
N ARG B 12 9.38 18.79 37.74
CA ARG B 12 9.15 17.38 38.08
C ARG B 12 8.61 16.68 36.84
N PRO B 13 9.46 16.48 35.83
CA PRO B 13 8.97 16.05 34.51
C PRO B 13 8.46 14.63 34.45
N TYR B 14 8.56 13.86 35.54
CA TYR B 14 8.00 12.50 35.62
C TYR B 14 6.56 12.48 36.11
N MET B 15 6.00 13.60 36.57
CA MET B 15 4.66 13.59 37.15
C MET B 15 3.59 13.29 36.09
N ALA B 16 2.67 12.40 36.42
CA ALA B 16 1.53 12.08 35.57
C ALA B 16 0.24 12.42 36.31
N TYR B 17 -0.72 12.96 35.58
CA TYR B 17 -2.05 13.22 36.10
C TYR B 17 -3.01 12.21 35.47
N LEU B 18 -3.81 11.56 36.31
CA LEU B 18 -4.65 10.45 35.87
C LEU B 18 -6.12 10.83 36.02
N GLN B 19 -6.89 10.71 34.93
CA GLN B 19 -8.34 10.80 34.97
C GLN B 19 -8.91 9.41 34.80
N ILE B 20 -9.76 9.00 35.73
CA ILE B 20 -10.13 7.59 35.89
C ILE B 20 -11.64 7.50 35.81
N GLN B 21 -12.14 6.62 34.96
CA GLN B 21 -13.57 6.37 34.86
C GLN B 21 -13.95 5.35 35.92
N SER B 22 -14.91 5.71 36.74
CA SER B 22 -15.42 4.85 37.78
C SER B 22 -16.90 4.60 37.53
N PRO B 23 -17.53 3.66 38.24
CA PRO B 23 -19.00 3.55 38.17
C PRO B 23 -19.72 4.87 38.38
N ALA B 24 -20.06 5.54 37.27
CA ALA B 24 -20.71 6.85 37.30
C ALA B 24 -20.05 7.78 38.32
N GLY B 25 -18.80 8.17 38.07
CA GLY B 25 -18.07 8.89 39.08
C GLY B 25 -16.91 9.81 38.70
N GLN B 26 -15.95 9.34 37.92
CA GLN B 26 -14.67 10.02 37.74
C GLN B 26 -13.85 10.11 39.02
N SER B 27 -12.59 9.70 38.95
CA SER B 27 -11.61 9.92 39.99
C SER B 27 -10.38 10.55 39.36
N ARG B 28 -9.58 11.19 40.20
CA ARG B 28 -8.34 11.81 39.79
C ARG B 28 -7.25 11.37 40.73
N CYS B 29 -6.10 11.01 40.17
CA CYS B 29 -4.95 10.57 40.94
C CYS B 29 -3.72 11.19 40.32
N GLY B 30 -2.59 11.01 41.00
CA GLY B 30 -1.30 11.25 40.42
C GLY B 30 -0.64 9.93 40.00
N GLY B 31 0.59 10.07 39.53
CA GLY B 31 1.37 8.91 39.11
C GLY B 31 2.71 9.43 38.65
N PHE B 32 3.58 8.52 38.21
CA PHE B 32 4.89 8.96 37.76
C PHE B 32 5.46 8.01 36.72
N LEU B 33 6.10 8.62 35.73
CA LEU B 33 6.68 7.90 34.60
C LEU B 33 7.94 7.18 35.07
N VAL B 34 8.00 5.88 34.85
CA VAL B 34 9.18 5.08 35.17
C VAL B 34 9.83 4.50 33.92
N ARG B 35 9.21 4.64 32.76
CA ARG B 35 9.79 4.27 31.47
C ARG B 35 8.90 4.94 30.44
N GLU B 36 9.37 5.02 29.20
CA GLU B 36 8.61 5.76 28.18
C GLU B 36 7.19 5.22 28.04
N ASP B 37 6.97 3.96 28.37
CA ASP B 37 5.68 3.32 28.16
C ASP B 37 4.97 2.93 29.46
N PHE B 38 5.48 3.33 30.62
CA PHE B 38 4.90 2.90 31.90
C PHE B 38 4.85 4.03 32.91
N VAL B 39 3.71 4.11 33.58
CA VAL B 39 3.49 4.99 34.73
C VAL B 39 3.21 4.11 35.95
N LEU B 40 3.87 4.42 37.07
CA LEU B 40 3.61 3.76 38.35
C LEU B 40 2.60 4.58 39.14
N THR B 41 1.63 3.92 39.77
CA THR B 41 0.62 4.64 40.55
C THR B 41 0.10 3.70 41.65
N ALA B 42 -0.98 4.08 42.32
CA ALA B 42 -1.59 3.25 43.35
C ALA B 42 -2.63 2.31 42.73
N ALA B 43 -2.72 1.09 43.28
CA ALA B 43 -3.74 0.17 42.78
C ALA B 43 -5.16 0.69 42.98
N HIS B 44 -5.39 1.52 44.00
CA HIS B 44 -6.77 2.01 44.20
C HIS B 44 -7.15 3.10 43.20
N CYS B 45 -6.24 3.49 42.32
CA CYS B 45 -6.54 4.38 41.20
C CYS B 45 -6.98 3.60 39.95
N TRP B 46 -7.27 2.31 40.07
CA TRP B 46 -7.69 1.51 38.93
C TRP B 46 -9.05 1.93 38.42
N GLY B 47 -9.23 1.87 37.10
CA GLY B 47 -10.54 2.02 36.51
C GLY B 47 -10.52 1.31 35.17
N SER B 48 -11.72 1.12 34.62
CA SER B 48 -11.82 0.48 33.31
C SER B 48 -11.34 1.38 32.18
N ASN B 49 -11.16 2.68 32.44
CA ASN B 49 -10.75 3.64 31.43
C ASN B 49 -9.94 4.73 32.11
N ILE B 50 -8.67 4.88 31.75
CA ILE B 50 -7.76 5.83 32.39
C ILE B 50 -7.05 6.63 31.31
N ASN B 51 -7.10 7.96 31.43
CA ASN B 51 -6.37 8.89 30.57
C ASN B 51 -5.23 9.49 31.36
N VAL B 52 -4.03 9.52 30.77
CA VAL B 52 -2.83 9.99 31.44
C VAL B 52 -2.36 11.29 30.79
N THR B 53 -2.05 12.29 31.59
CA THR B 53 -1.48 13.55 31.10
C THR B 53 -0.07 13.71 31.65
N LEU B 54 0.90 13.78 30.75
CA LEU B 54 2.29 14.08 31.13
C LEU B 54 2.62 15.51 30.70
N GLY B 55 3.71 16.04 31.29
CA GLY B 55 4.19 17.35 30.87
C GLY B 55 3.33 18.50 31.36
N ALA B 56 2.50 18.28 32.38
CA ALA B 56 1.56 19.29 32.81
C ALA B 56 2.12 20.10 33.97
N HIS B 57 1.70 21.36 34.03
CA HIS B 57 1.76 22.12 35.27
C HIS B 57 0.38 22.57 35.70
N ASN B 58 -0.32 23.33 34.86
CA ASN B 58 -1.70 23.73 35.11
C ASN B 58 -2.58 22.71 34.40
N ILE B 59 -3.15 21.77 35.15
CA ILE B 59 -3.91 20.71 34.48
C ILE B 59 -5.28 21.16 34.00
N GLN B 60 -5.74 22.35 34.41
CA GLN B 60 -7.00 22.92 33.95
C GLN B 60 -6.91 23.62 32.60
N ARG B 61 -5.71 23.82 32.07
CA ARG B 61 -5.49 24.42 30.77
C ARG B 61 -4.95 23.38 29.81
N ARG B 62 -5.31 23.50 28.54
CA ARG B 62 -4.70 22.64 27.52
C ARG B 62 -3.35 23.24 27.15
N GLU B 63 -2.37 23.03 28.03
CA GLU B 63 -1.04 23.58 27.83
C GLU B 63 -0.37 22.97 26.60
N ASN B 64 0.55 23.73 26.00
CA ASN B 64 1.21 23.25 24.80
C ASN B 64 2.25 22.17 25.07
N THR B 65 2.68 22.00 26.33
CA THR B 65 3.64 20.96 26.71
C THR B 65 3.00 19.62 27.09
N GLN B 66 1.69 19.55 27.22
CA GLN B 66 1.06 18.33 27.72
C GLN B 66 1.02 17.24 26.65
N GLN B 67 1.15 16.00 27.09
CA GLN B 67 0.93 14.83 26.24
C GLN B 67 -0.17 13.99 26.84
N HIS B 68 -1.19 13.66 26.03
CA HIS B 68 -2.37 12.94 26.49
C HIS B 68 -2.35 11.53 25.90
N ILE B 69 -2.22 10.53 26.76
CA ILE B 69 -2.08 9.13 26.36
C ILE B 69 -3.02 8.27 27.19
N THR B 70 -3.82 7.44 26.54
CA THR B 70 -4.64 6.50 27.28
C THR B 70 -3.78 5.34 27.80
N ALA B 71 -4.25 4.74 28.90
CA ALA B 71 -3.62 3.53 29.41
C ALA B 71 -4.16 2.33 28.64
N ARG B 72 -3.24 1.46 28.20
CA ARG B 72 -3.64 0.26 27.49
C ARG B 72 -4.00 -0.86 28.44
N ARG B 73 -3.23 -1.01 29.51
CA ARG B 73 -3.50 -1.97 30.58
C ARG B 73 -3.26 -1.27 31.90
N ALA B 74 -4.04 -1.64 32.90
CA ALA B 74 -3.90 -1.09 34.24
C ALA B 74 -3.72 -2.31 35.16
N ILE B 75 -2.47 -2.56 35.55
CA ILE B 75 -2.07 -3.84 36.12
C ILE B 75 -1.84 -3.65 37.60
N ARG B 76 -2.82 -4.02 38.42
CA ARG B 76 -2.71 -3.93 39.86
C ARG B 76 -1.90 -5.10 40.39
N HIS B 77 -1.26 -4.90 41.53
CA HIS B 77 -0.56 -5.99 42.17
C HIS B 77 -1.52 -7.15 42.40
N PRO B 78 -1.09 -8.39 42.21
CA PRO B 78 -2.01 -9.52 42.37
C PRO B 78 -2.51 -9.71 43.79
N GLN B 79 -1.80 -9.19 44.79
CA GLN B 79 -2.22 -9.29 46.18
C GLN B 79 -2.85 -8.01 46.71
N TYR B 80 -3.24 -7.10 45.82
CA TYR B 80 -3.90 -5.87 46.25
C TYR B 80 -5.13 -6.19 47.07
N ASN B 81 -5.23 -5.59 48.25
CA ASN B 81 -6.37 -5.78 49.16
C ASN B 81 -7.10 -4.43 49.29
N GLN B 82 -8.28 -4.34 48.66
CA GLN B 82 -9.08 -3.10 48.69
C GLN B 82 -9.50 -2.72 50.10
N ARG B 83 -9.81 -3.71 50.94
CA ARG B 83 -10.36 -3.40 52.26
C ARG B 83 -9.32 -2.74 53.15
N THR B 84 -8.11 -3.29 53.17
CA THR B 84 -7.04 -2.82 54.05
C THR B 84 -6.06 -1.90 53.34
N ILE B 85 -6.16 -1.75 52.02
CA ILE B 85 -5.25 -0.95 51.20
C ILE B 85 -3.82 -1.47 51.31
N GLN B 86 -3.67 -2.78 51.26
CA GLN B 86 -2.37 -3.43 51.29
C GLN B 86 -1.96 -3.76 49.85
N ASN B 87 -0.64 -3.72 49.60
CA ASN B 87 -0.05 -4.00 48.28
C ASN B 87 -0.67 -3.07 47.23
N ASP B 88 -0.71 -1.79 47.57
CA ASP B 88 -1.43 -0.78 46.81
C ASP B 88 -0.46 -0.19 45.79
N ILE B 89 -0.25 -0.92 44.69
CA ILE B 89 0.67 -0.49 43.64
C ILE B 89 0.12 -0.98 42.31
N MET B 90 0.26 -0.16 41.27
CA MET B 90 -0.26 -0.50 39.95
C MET B 90 0.66 0.05 38.87
N LEU B 91 0.87 -0.71 37.79
CA LEU B 91 1.55 -0.21 36.60
C LEU B 91 0.56 0.08 35.47
N LEU B 92 0.67 1.26 34.87
CA LEU B 92 -0.09 1.60 33.67
C LEU B 92 0.81 1.47 32.45
N GLN B 93 0.50 0.51 31.59
CA GLN B 93 1.13 0.46 30.29
C GLN B 93 0.45 1.50 29.39
N LEU B 94 1.21 2.49 28.93
CA LEU B 94 0.63 3.53 28.08
C LEU B 94 0.40 3.00 26.66
N SER B 95 -0.54 3.64 25.96
CA SER B 95 -0.93 3.20 24.62
C SER B 95 0.13 3.51 23.58
N ARG B 96 0.96 4.50 23.83
CA ARG B 96 2.11 4.77 23.00
C ARG B 96 3.21 5.31 23.90
N ARG B 97 4.46 5.23 23.45
CA ARG B 97 5.53 5.79 24.25
C ARG B 97 5.42 7.32 24.28
N VAL B 98 5.78 7.92 25.43
CA VAL B 98 5.81 9.37 25.49
C VAL B 98 6.87 9.89 24.52
N ARG B 99 6.68 11.12 24.08
CA ARG B 99 7.70 11.89 23.36
C ARG B 99 8.61 12.52 24.42
N ARG B 100 9.82 11.99 24.57
CA ARG B 100 10.68 12.35 25.69
C ARG B 100 11.35 13.70 25.42
N ASN B 101 11.32 14.60 26.41
CA ASN B 101 11.97 15.91 26.30
C ASN B 101 12.24 16.44 27.71
N ARG B 102 12.70 17.70 27.80
CA ARG B 102 13.02 18.29 29.10
C ARG B 102 11.84 18.28 30.06
N ASN B 103 10.62 18.33 29.56
CA ASN B 103 9.43 18.43 30.41
C ASN B 103 8.74 17.11 30.64
N VAL B 104 9.22 16.03 30.02
CA VAL B 104 8.62 14.70 30.11
C VAL B 104 9.74 13.67 30.09
N ASN B 105 10.05 13.06 31.22
CA ASN B 105 11.05 11.99 31.23
C ASN B 105 10.88 11.17 32.51
N PRO B 106 11.37 9.93 32.53
CA PRO B 106 11.08 9.04 33.66
C PRO B 106 11.93 9.37 34.88
N VAL B 107 11.46 8.88 36.03
CA VAL B 107 12.22 9.02 37.28
C VAL B 107 12.77 7.65 37.64
N ALA B 108 13.93 7.64 38.29
CA ALA B 108 14.59 6.41 38.69
C ALA B 108 13.88 5.73 39.85
N LEU B 109 14.00 4.43 39.90
CA LEU B 109 13.49 3.61 40.99
C LEU B 109 14.65 3.17 41.87
N PRO B 110 14.39 2.79 43.12
CA PRO B 110 15.50 2.35 43.98
C PRO B 110 15.93 0.94 43.60
N ARG B 111 17.03 0.51 44.22
CA ARG B 111 17.48 -0.87 44.14
C ARG B 111 16.64 -1.75 45.06
N ALA B 112 16.62 -3.05 44.74
CA ALA B 112 15.70 -3.95 45.42
C ALA B 112 15.92 -3.95 46.94
N GLN B 113 14.82 -3.87 47.68
CA GLN B 113 14.79 -3.85 49.15
C GLN B 113 15.69 -2.77 49.75
N GLU B 114 15.97 -1.71 48.99
CA GLU B 114 16.75 -0.60 49.52
C GLU B 114 15.98 0.11 50.62
N GLY B 115 16.67 0.39 51.73
CA GLY B 115 16.05 0.99 52.89
C GLY B 115 15.84 2.48 52.73
N LEU B 116 15.25 3.06 53.78
CA LEU B 116 14.90 4.48 53.79
C LEU B 116 14.81 4.89 55.25
N ARG B 117 15.88 5.45 55.79
CA ARG B 117 15.99 5.66 57.23
C ARG B 117 14.93 6.66 57.71
N PRO B 118 14.43 6.50 58.94
CA PRO B 118 13.61 7.58 59.53
C PRO B 118 14.45 8.84 59.64
N GLY B 119 13.79 9.99 59.43
CA GLY B 119 14.50 11.24 59.33
C GLY B 119 14.93 11.61 57.92
N THR B 120 14.82 10.68 56.98
CA THR B 120 15.09 11.02 55.58
C THR B 120 14.10 12.06 55.11
N LEU B 121 14.60 13.09 54.43
CA LEU B 121 13.78 14.14 53.88
C LEU B 121 13.38 13.78 52.45
N CYS B 122 12.08 13.79 52.18
CA CYS B 122 11.55 13.44 50.86
C CYS B 122 10.57 14.49 50.38
N THR B 123 10.33 14.52 49.06
CA THR B 123 9.40 15.44 48.43
C THR B 123 8.23 14.67 47.86
N VAL B 124 7.01 15.15 48.09
CA VAL B 124 5.85 14.61 47.41
C VAL B 124 5.20 15.73 46.60
N ALA B 125 4.67 15.40 45.44
CA ALA B 125 4.07 16.40 44.57
C ALA B 125 2.73 15.91 44.05
N GLY B 126 1.81 16.83 43.80
CA GLY B 126 0.57 16.41 43.16
C GLY B 126 -0.37 17.59 42.93
N TRP B 127 -1.50 17.26 42.33
CA TRP B 127 -2.59 18.21 42.07
C TRP B 127 -3.76 18.02 43.02
N GLY B 128 -3.55 17.32 44.16
CA GLY B 128 -4.63 17.10 45.09
C GLY B 128 -5.07 18.37 45.82
N ARG B 129 -6.15 18.24 46.58
CA ARG B 129 -6.70 19.36 47.32
C ARG B 129 -5.67 19.86 48.33
N VAL B 130 -5.76 21.14 48.66
CA VAL B 130 -4.83 21.75 49.60
C VAL B 130 -5.44 21.95 50.97
N SER B 131 -6.73 21.66 51.11
CA SER B 131 -7.43 21.73 52.40
C SER B 131 -8.76 21.00 52.21
N MET B 132 -9.57 20.99 53.25
CA MET B 132 -10.88 20.37 53.11
C MET B 132 -11.89 21.27 52.38
N ARG B 133 -11.45 22.41 51.83
CA ARG B 133 -12.38 23.22 51.03
C ARG B 133 -11.76 23.90 49.82
N ARG B 134 -10.48 23.70 49.51
CA ARG B 134 -9.85 24.32 48.36
C ARG B 134 -8.98 23.31 47.64
N GLY B 135 -8.95 23.41 46.31
CA GLY B 135 -8.06 22.62 45.49
C GLY B 135 -6.99 23.48 44.86
N THR B 136 -6.35 22.92 43.83
CA THR B 136 -5.33 23.63 43.07
C THR B 136 -5.49 23.30 41.60
N ASP B 137 -5.22 24.29 40.73
CA ASP B 137 -5.10 24.04 39.30
C ASP B 137 -3.70 23.59 38.89
N THR B 138 -2.68 23.93 39.67
CA THR B 138 -1.30 23.71 39.30
C THR B 138 -0.62 22.74 40.26
N LEU B 139 0.48 22.16 39.78
CA LEU B 139 1.24 21.19 40.57
C LEU B 139 1.85 21.84 41.81
N ARG B 140 1.73 21.15 42.94
CA ARG B 140 2.27 21.64 44.20
C ARG B 140 3.14 20.56 44.82
N GLU B 141 3.95 20.95 45.80
CA GLU B 141 4.85 19.99 46.41
C GLU B 141 5.14 20.36 47.84
N VAL B 142 5.61 19.37 48.61
CA VAL B 142 5.93 19.59 50.01
C VAL B 142 7.03 18.62 50.39
N GLN B 143 7.83 19.00 51.39
CA GLN B 143 8.85 18.12 51.90
C GLN B 143 8.37 17.52 53.22
N LEU B 144 8.51 16.21 53.34
CA LEU B 144 8.08 15.45 54.50
C LEU B 144 9.23 14.56 54.93
N ARG B 145 9.20 14.16 56.20
CA ARG B 145 10.21 13.30 56.77
C ARG B 145 9.64 11.91 57.02
N VAL B 146 10.43 10.89 56.68
CA VAL B 146 10.08 9.52 57.02
C VAL B 146 10.07 9.38 58.54
N GLN B 147 9.05 8.71 59.06
CA GLN B 147 8.84 8.53 60.49
C GLN B 147 9.27 7.15 60.93
N ARG B 148 9.47 6.99 62.25
CA ARG B 148 9.54 5.67 62.83
C ARG B 148 8.23 4.92 62.59
N ASP B 149 8.34 3.60 62.43
CA ASP B 149 7.16 2.83 62.07
C ASP B 149 6.10 2.86 63.18
N ARG B 150 6.54 3.01 64.45
CA ARG B 150 5.62 3.02 65.58
C ARG B 150 4.55 4.08 65.44
N GLN B 151 4.87 5.19 64.75
CA GLN B 151 3.88 6.25 64.55
C GLN B 151 2.67 5.71 63.78
N CYS B 152 2.91 4.92 62.74
CA CYS B 152 1.80 4.40 61.97
C CYS B 152 1.24 3.10 62.54
N LEU B 153 2.06 2.30 63.24
CA LEU B 153 1.56 1.04 63.81
C LEU B 153 0.39 1.28 64.75
N ARG B 154 0.44 2.35 65.53
CA ARG B 154 -0.56 2.46 66.57
C ARG B 154 -1.83 3.17 66.11
N ILE B 155 -1.82 3.86 64.97
CA ILE B 155 -3.03 4.48 64.46
C ILE B 155 -3.60 3.76 63.24
N PHE B 156 -2.80 2.98 62.51
CA PHE B 156 -3.27 2.29 61.30
C PHE B 156 -3.15 0.78 61.52
N GLY B 157 -4.28 0.14 61.82
CA GLY B 157 -4.27 -1.27 62.17
C GLY B 157 -3.75 -2.20 61.09
N SER B 158 -3.72 -1.75 59.84
CA SER B 158 -3.22 -2.60 58.76
C SER B 158 -1.93 -2.10 58.14
N TYR B 159 -1.26 -1.11 58.73
CA TYR B 159 0.04 -0.69 58.22
C TYR B 159 1.06 -1.82 58.41
N ASP B 160 1.86 -2.08 57.38
CA ASP B 160 2.89 -3.13 57.37
C ASP B 160 4.22 -2.51 56.94
N PRO B 161 5.18 -2.36 57.85
CA PRO B 161 6.43 -1.67 57.47
C PRO B 161 7.31 -2.45 56.49
N ARG B 162 7.05 -3.74 56.25
CA ARG B 162 7.74 -4.44 55.17
C ARG B 162 7.33 -3.94 53.79
N ARG B 163 6.10 -3.43 53.64
CA ARG B 163 5.56 -3.05 52.34
C ARG B 163 5.16 -1.59 52.25
N GLN B 164 5.25 -0.85 53.33
CA GLN B 164 4.73 0.51 53.35
C GLN B 164 5.69 1.38 54.14
N ILE B 165 5.54 2.69 53.99
CA ILE B 165 6.40 3.68 54.65
C ILE B 165 5.50 4.62 55.45
N CYS B 166 5.93 4.94 56.67
CA CYS B 166 5.25 5.90 57.52
C CYS B 166 5.88 7.27 57.29
N VAL B 167 5.07 8.26 56.88
CA VAL B 167 5.59 9.53 56.36
C VAL B 167 4.83 10.69 56.99
N GLY B 168 5.56 11.72 57.40
CA GLY B 168 4.94 12.95 57.81
C GLY B 168 4.96 13.16 59.31
N ASP B 169 5.58 14.25 59.74
CA ASP B 169 5.62 14.60 61.15
C ASP B 169 4.26 15.10 61.62
N ARG B 170 3.72 14.43 62.66
CA ARG B 170 2.46 14.80 63.30
C ARG B 170 2.40 16.27 63.69
N ARG B 171 3.55 16.87 63.99
CA ARG B 171 3.55 18.24 64.50
C ARG B 171 3.30 19.28 63.42
N GLU B 172 3.47 18.92 62.14
CA GLU B 172 3.35 19.88 61.06
C GLU B 172 2.04 19.65 60.30
N ARG B 173 1.54 20.73 59.72
CA ARG B 173 0.39 20.64 58.83
C ARG B 173 0.88 20.52 57.39
N LYS B 174 1.40 19.34 57.08
CA LYS B 174 2.01 19.06 55.78
C LYS B 174 1.74 17.61 55.44
N ALA B 175 1.13 17.37 54.29
CA ALA B 175 0.79 16.01 53.91
C ALA B 175 0.35 15.99 52.46
N ALA B 176 0.36 14.79 51.90
CA ALA B 176 -0.38 14.60 50.66
C ALA B 176 -1.84 14.38 51.02
N PHE B 177 -2.73 14.74 50.10
CA PHE B 177 -4.16 14.72 50.41
C PHE B 177 -4.95 14.21 49.21
N LYS B 178 -6.21 14.61 49.07
CA LYS B 178 -7.14 13.95 48.14
C LYS B 178 -6.82 14.35 46.71
N GLY B 179 -6.48 13.36 45.88
CA GLY B 179 -5.99 13.64 44.54
C GLY B 179 -4.52 13.35 44.37
N ASP B 180 -3.76 13.25 45.46
CA ASP B 180 -2.35 12.96 45.42
C ASP B 180 -2.03 11.47 45.35
N SER B 181 -2.99 10.59 45.63
CA SER B 181 -2.77 9.14 45.47
C SER B 181 -2.03 8.85 44.19
N GLY B 182 -1.06 7.93 44.28
CA GLY B 182 -0.28 7.51 43.13
C GLY B 182 0.97 8.33 42.86
N GLY B 183 1.07 9.52 43.42
CA GLY B 183 2.25 10.34 43.21
C GLY B 183 3.47 9.74 43.89
N PRO B 184 4.67 10.19 43.51
CA PRO B 184 5.89 9.61 44.08
C PRO B 184 6.33 10.28 45.36
N LEU B 185 6.98 9.51 46.22
CA LEU B 185 7.76 10.03 47.33
C LEU B 185 9.20 10.04 46.85
N LEU B 186 9.79 11.21 46.70
CA LEU B 186 11.12 11.37 46.12
C LEU B 186 12.14 11.67 47.21
N CYS B 187 13.17 10.84 47.30
CA CYS B 187 14.27 11.06 48.23
C CYS B 187 15.55 10.88 47.42
N ASN B 188 16.37 11.94 47.37
CA ASN B 188 17.62 11.92 46.62
C ASN B 188 17.40 11.54 45.15
N ASN B 189 16.36 12.12 44.55
CA ASN B 189 16.02 11.97 43.14
C ASN B 189 15.62 10.56 42.77
N VAL B 190 15.12 9.78 43.73
CA VAL B 190 14.67 8.43 43.47
C VAL B 190 13.29 8.27 44.07
N ALA B 191 12.38 7.64 43.33
CA ALA B 191 11.01 7.47 43.80
C ALA B 191 10.97 6.24 44.71
N HIS B 192 10.92 6.49 46.03
CA HIS B 192 10.90 5.39 46.99
C HIS B 192 9.49 5.00 47.42
N GLY B 193 8.50 5.86 47.20
CA GLY B 193 7.18 5.62 47.73
C GLY B 193 6.07 6.04 46.78
N ILE B 194 4.87 5.56 47.07
CA ILE B 194 3.68 5.93 46.32
C ILE B 194 2.62 6.38 47.32
N VAL B 195 2.06 7.57 47.11
CA VAL B 195 1.03 8.10 48.00
C VAL B 195 -0.11 7.10 48.07
N SER B 196 -0.52 6.74 49.29
CA SER B 196 -1.53 5.69 49.39
C SER B 196 -2.70 6.15 50.25
N TYR B 197 -2.55 6.20 51.58
CA TYR B 197 -3.71 6.60 52.36
C TYR B 197 -3.29 7.36 53.61
N GLY B 198 -4.29 7.90 54.30
CA GLY B 198 -4.07 8.56 55.56
C GLY B 198 -5.35 8.62 56.33
N LYS B 199 -5.41 9.58 57.25
CA LYS B 199 -6.66 9.93 57.91
C LYS B 199 -7.45 10.88 57.01
N SER B 200 -8.78 10.85 57.14
CA SER B 200 -9.59 11.72 56.30
C SER B 200 -9.41 13.20 56.63
N SER B 201 -8.95 13.51 57.84
CA SER B 201 -8.63 14.88 58.23
C SER B 201 -7.37 15.39 57.55
N GLY B 202 -6.53 14.50 57.05
CA GLY B 202 -5.23 14.87 56.49
C GLY B 202 -4.13 15.09 57.49
N VAL B 203 -4.37 14.92 58.80
CA VAL B 203 -3.30 15.21 59.75
C VAL B 203 -2.32 14.03 59.68
N PRO B 204 -1.03 14.30 59.62
CA PRO B 204 -0.05 13.22 59.49
C PRO B 204 0.00 12.38 60.75
N PRO B 205 0.65 11.21 60.73
CA PRO B 205 1.35 10.67 59.56
C PRO B 205 0.42 9.94 58.60
N GLU B 206 0.96 9.64 57.43
CA GLU B 206 0.23 8.98 56.37
C GLU B 206 1.09 7.85 55.86
N VAL B 207 0.52 7.01 55.02
CA VAL B 207 1.14 5.75 54.63
C VAL B 207 1.38 5.80 53.13
N PHE B 208 2.60 5.43 52.73
CA PHE B 208 3.00 5.29 51.35
C PHE B 208 3.31 3.84 51.07
N THR B 209 3.02 3.38 49.86
CA THR B 209 3.54 2.10 49.41
C THR B 209 5.06 2.18 49.24
N ARG B 210 5.77 1.19 49.80
CA ARG B 210 7.23 1.14 49.76
C ARG B 210 7.67 0.47 48.46
N VAL B 211 8.18 1.27 47.51
CA VAL B 211 8.43 0.79 46.15
C VAL B 211 9.49 -0.31 46.13
N SER B 212 10.52 -0.18 46.94
CA SER B 212 11.60 -1.16 46.86
C SER B 212 11.15 -2.56 47.27
N SER B 213 10.02 -2.67 47.97
CA SER B 213 9.47 -3.98 48.29
C SER B 213 8.84 -4.67 47.10
N PHE B 214 8.65 -3.96 45.99
CA PHE B 214 7.90 -4.50 44.86
C PHE B 214 8.72 -4.52 43.58
N LEU B 215 10.03 -4.28 43.66
CA LEU B 215 10.83 -4.22 42.44
C LEU B 215 10.81 -5.50 41.61
N PRO B 216 10.90 -6.71 42.17
CA PRO B 216 10.82 -7.88 41.28
C PRO B 216 9.48 -7.97 40.54
N TRP B 217 8.38 -7.69 41.22
CA TRP B 217 7.09 -7.64 40.52
C TRP B 217 7.09 -6.54 39.46
N ILE B 218 7.64 -5.38 39.78
CA ILE B 218 7.65 -4.28 38.82
C ILE B 218 8.41 -4.67 37.57
N ARG B 219 9.65 -5.15 37.75
CA ARG B 219 10.47 -5.53 36.59
C ARG B 219 9.84 -6.68 35.82
N THR B 220 9.23 -7.65 36.52
CA THR B 220 8.54 -8.74 35.84
C THR B 220 7.39 -8.21 34.99
N THR B 221 6.64 -7.24 35.51
CA THR B 221 5.43 -6.76 34.82
C THR B 221 5.78 -5.93 33.59
N MET B 222 6.85 -5.12 33.66
CA MET B 222 7.21 -4.27 32.53
C MET B 222 7.84 -5.02 31.36
N ARG B 223 8.20 -6.29 31.51
CA ARG B 223 8.73 -7.05 30.38
C ARG B 223 7.69 -7.26 29.29
N ILE C 1 -13.76 1.22 -11.97
CA ILE C 1 -13.50 2.66 -12.08
C ILE C 1 -12.10 2.87 -12.65
N ILE C 2 -11.99 3.44 -13.85
CA ILE C 2 -10.68 3.73 -14.43
C ILE C 2 -10.25 5.13 -13.99
N GLY C 3 -8.98 5.26 -13.61
CA GLY C 3 -8.37 6.55 -13.35
C GLY C 3 -8.86 7.25 -12.10
N GLY C 4 -9.47 6.53 -11.18
CA GLY C 4 -10.04 7.10 -9.97
C GLY C 4 -9.14 6.91 -8.77
N ARG C 5 -9.74 7.00 -7.59
CA ARG C 5 -9.03 6.81 -6.32
C ARG C 5 -9.86 5.92 -5.42
N GLU C 6 -9.22 5.33 -4.41
CA GLU C 6 -9.96 4.55 -3.42
C GLU C 6 -10.87 5.48 -2.64
N SER C 7 -12.12 5.07 -2.43
CA SER C 7 -13.03 5.88 -1.64
C SER C 7 -12.62 5.88 -0.18
N ARG C 8 -12.94 6.97 0.52
CA ARG C 8 -12.89 6.93 1.97
C ARG C 8 -13.89 5.87 2.43
N PRO C 9 -13.48 4.92 3.28
CA PRO C 9 -14.38 3.82 3.65
C PRO C 9 -15.69 4.35 4.24
N HIS C 10 -16.80 3.83 3.72
CA HIS C 10 -18.17 4.15 4.13
C HIS C 10 -18.55 5.60 3.92
N SER C 11 -17.79 6.32 3.08
CA SER C 11 -18.16 7.69 2.73
C SER C 11 -19.31 7.75 1.73
N ARG C 12 -19.71 6.61 1.16
CA ARG C 12 -20.81 6.55 0.20
C ARG C 12 -21.76 5.45 0.64
N PRO C 13 -22.53 5.70 1.72
CA PRO C 13 -23.23 4.61 2.42
C PRO C 13 -24.44 4.06 1.68
N TYR C 14 -24.78 4.62 0.54
CA TYR C 14 -25.86 4.16 -0.32
C TYR C 14 -25.41 3.12 -1.35
N MET C 15 -24.11 2.86 -1.47
CA MET C 15 -23.63 1.98 -2.53
C MET C 15 -24.03 0.54 -2.27
N ALA C 16 -24.41 -0.16 -3.33
CA ALA C 16 -24.81 -1.55 -3.25
C ALA C 16 -23.97 -2.36 -4.23
N TYR C 17 -23.54 -3.53 -3.77
CA TYR C 17 -22.78 -4.45 -4.60
C TYR C 17 -23.68 -5.63 -4.93
N LEU C 18 -23.83 -5.93 -6.21
CA LEU C 18 -24.78 -6.95 -6.66
C LEU C 18 -24.02 -8.16 -7.18
N GLN C 19 -24.38 -9.34 -6.67
CA GLN C 19 -23.93 -10.62 -7.18
C GLN C 19 -25.12 -11.28 -7.88
N ILE C 20 -24.95 -11.54 -9.16
CA ILE C 20 -26.05 -11.86 -10.06
C ILE C 20 -25.80 -13.24 -10.61
N GLN C 21 -26.79 -14.12 -10.47
CA GLN C 21 -26.71 -15.47 -11.00
C GLN C 21 -27.34 -15.45 -12.38
N SER C 22 -26.54 -15.73 -13.39
CA SER C 22 -27.08 -15.80 -14.74
C SER C 22 -27.15 -17.26 -15.19
N PRO C 23 -27.95 -17.55 -16.20
CA PRO C 23 -27.80 -18.86 -16.86
C PRO C 23 -26.42 -18.93 -17.47
N ALA C 24 -25.66 -19.93 -17.04
CA ALA C 24 -24.30 -20.24 -17.49
C ALA C 24 -23.19 -19.37 -16.88
N GLY C 25 -23.47 -18.54 -15.88
CA GLY C 25 -22.39 -17.81 -15.25
C GLY C 25 -22.87 -16.87 -14.16
N GLN C 26 -21.98 -15.97 -13.79
CA GLN C 26 -22.21 -14.98 -12.75
C GLN C 26 -21.93 -13.60 -13.30
N SER C 27 -22.56 -12.59 -12.69
CA SER C 27 -22.22 -11.21 -13.02
C SER C 27 -22.12 -10.40 -11.74
N ARG C 28 -21.40 -9.28 -11.83
CA ARG C 28 -21.30 -8.33 -10.74
C ARG C 28 -21.62 -6.94 -11.27
N CYS C 29 -22.38 -6.19 -10.47
CA CYS C 29 -22.81 -4.83 -10.76
C CYS C 29 -22.75 -4.00 -9.49
N GLY C 30 -22.93 -2.69 -9.65
CA GLY C 30 -23.27 -1.83 -8.54
C GLY C 30 -24.76 -1.52 -8.51
N GLY C 31 -25.12 -0.70 -7.54
CA GLY C 31 -26.50 -0.26 -7.38
C GLY C 31 -26.45 0.79 -6.31
N PHE C 32 -27.62 1.34 -5.99
CA PHE C 32 -27.66 2.31 -4.92
C PHE C 32 -29.00 2.26 -4.22
N LEU C 33 -28.93 2.33 -2.91
CA LEU C 33 -30.11 2.32 -2.04
C LEU C 33 -30.85 3.63 -2.20
N VAL C 34 -32.14 3.55 -2.53
CA VAL C 34 -32.99 4.74 -2.64
C VAL C 34 -34.12 4.74 -1.63
N ARG C 35 -34.34 3.63 -0.95
CA ARG C 35 -35.24 3.58 0.19
C ARG C 35 -34.80 2.37 1.00
N GLU C 36 -35.27 2.28 2.24
CA GLU C 36 -34.78 1.18 3.08
C GLU C 36 -35.07 -0.19 2.50
N ASP C 37 -36.03 -0.29 1.57
CA ASP C 37 -36.35 -1.58 0.94
C ASP C 37 -36.10 -1.61 -0.57
N PHE C 38 -35.38 -0.65 -1.14
CA PHE C 38 -35.22 -0.58 -2.60
C PHE C 38 -33.83 -0.15 -3.05
N VAL C 39 -33.26 -0.92 -3.99
CA VAL C 39 -32.00 -0.60 -4.64
C VAL C 39 -32.29 -0.28 -6.10
N LEU C 40 -31.75 0.85 -6.59
CA LEU C 40 -31.85 1.19 -8.00
C LEU C 40 -30.58 0.71 -8.71
N THR C 41 -30.73 0.15 -9.91
CA THR C 41 -29.59 -0.34 -10.67
C THR C 41 -29.95 -0.32 -12.15
N ALA C 42 -29.10 -0.92 -12.98
CA ALA C 42 -29.34 -0.99 -14.41
C ALA C 42 -30.10 -2.27 -14.74
N ALA C 43 -30.96 -2.19 -15.78
CA ALA C 43 -31.76 -3.35 -16.12
C ALA C 43 -30.91 -4.49 -16.65
N HIS C 44 -29.77 -4.18 -17.30
CA HIS C 44 -28.95 -5.29 -17.79
C HIS C 44 -28.20 -6.00 -16.68
N CYS C 45 -28.35 -5.55 -15.44
CA CYS C 45 -27.82 -6.28 -14.28
C CYS C 45 -28.80 -7.33 -13.76
N TRP C 46 -29.87 -7.60 -14.49
CA TRP C 46 -30.90 -8.54 -14.05
C TRP C 46 -30.36 -9.96 -14.05
N GLY C 47 -30.81 -10.75 -13.07
CA GLY C 47 -30.60 -12.18 -13.07
C GLY C 47 -31.67 -12.86 -12.23
N SER C 48 -31.63 -14.20 -12.23
CA SER C 48 -32.66 -14.98 -11.56
C SER C 48 -32.53 -14.89 -10.03
N ASN C 49 -31.31 -14.84 -9.52
CA ASN C 49 -31.05 -14.64 -8.10
C ASN C 49 -30.01 -13.54 -7.98
N ILE C 50 -30.31 -12.55 -7.16
CA ILE C 50 -29.43 -11.41 -6.95
C ILE C 50 -29.22 -11.24 -5.44
N ASN C 51 -27.96 -11.23 -5.02
CA ASN C 51 -27.61 -10.94 -3.64
C ASN C 51 -27.07 -9.52 -3.57
N VAL C 52 -27.57 -8.74 -2.62
CA VAL C 52 -27.18 -7.33 -2.52
C VAL C 52 -26.32 -7.18 -1.27
N THR C 53 -25.20 -6.48 -1.38
CA THR C 53 -24.37 -6.22 -0.22
C THR C 53 -24.34 -4.72 0.03
N LEU C 54 -24.83 -4.32 1.20
CA LEU C 54 -24.77 -2.93 1.62
C LEU C 54 -23.69 -2.76 2.68
N GLY C 55 -23.25 -1.52 2.87
CA GLY C 55 -22.30 -1.26 3.94
C GLY C 55 -20.89 -1.74 3.67
N ALA C 56 -20.55 -2.01 2.40
CA ALA C 56 -19.26 -2.60 2.09
C ALA C 56 -18.24 -1.54 1.75
N HIS C 57 -16.97 -1.83 2.10
CA HIS C 57 -15.83 -1.17 1.48
C HIS C 57 -14.95 -2.17 0.75
N ASN C 58 -14.37 -3.15 1.45
CA ASN C 58 -13.65 -4.26 0.82
C ASN C 58 -14.64 -5.41 0.60
N ILE C 59 -15.13 -5.59 -0.65
CA ILE C 59 -16.17 -6.60 -0.87
C ILE C 59 -15.61 -8.01 -0.90
N GLN C 60 -14.29 -8.18 -0.91
CA GLN C 60 -13.65 -9.48 -0.83
C GLN C 60 -13.47 -9.97 0.60
N ARG C 61 -13.82 -9.16 1.59
CA ARG C 61 -13.78 -9.54 2.98
C ARG C 61 -15.20 -9.55 3.53
N ARG C 62 -15.46 -10.46 4.47
CA ARG C 62 -16.75 -10.47 5.15
C ARG C 62 -16.67 -9.45 6.29
N GLU C 63 -16.90 -8.18 5.95
CA GLU C 63 -16.73 -7.10 6.91
C GLU C 63 -17.89 -7.08 7.90
N ASN C 64 -17.64 -6.55 9.08
CA ASN C 64 -18.68 -6.55 10.09
C ASN C 64 -19.73 -5.47 9.85
N THR C 65 -19.50 -4.55 8.92
CA THR C 65 -20.48 -3.55 8.54
C THR C 65 -21.37 -3.97 7.38
N GLN C 66 -21.07 -5.09 6.72
CA GLN C 66 -21.85 -5.46 5.54
C GLN C 66 -23.20 -6.01 5.96
N GLN C 67 -24.22 -5.73 5.15
CA GLN C 67 -25.52 -6.37 5.27
C GLN C 67 -25.77 -7.11 3.96
N HIS C 68 -26.15 -8.38 4.03
CA HIS C 68 -26.38 -9.19 2.82
C HIS C 68 -27.87 -9.50 2.74
N ILE C 69 -28.50 -9.06 1.66
CA ILE C 69 -29.94 -9.21 1.52
C ILE C 69 -30.21 -9.69 0.11
N THR C 70 -31.02 -10.74 -0.03
CA THR C 70 -31.42 -11.13 -1.37
C THR C 70 -32.47 -10.18 -1.92
N ALA C 71 -32.52 -10.05 -3.24
CA ALA C 71 -33.58 -9.29 -3.89
C ALA C 71 -34.83 -10.16 -3.96
N ARG C 72 -35.94 -9.66 -3.42
CA ARG C 72 -37.21 -10.38 -3.51
C ARG C 72 -37.82 -10.25 -4.90
N ARG C 73 -37.72 -9.07 -5.50
CA ARG C 73 -38.22 -8.79 -6.83
C ARG C 73 -37.22 -7.91 -7.55
N ALA C 74 -37.08 -8.14 -8.86
CA ALA C 74 -36.17 -7.38 -9.71
C ALA C 74 -37.00 -6.86 -10.88
N ILE C 75 -37.36 -5.59 -10.85
CA ILE C 75 -38.36 -5.00 -11.73
C ILE C 75 -37.65 -4.12 -12.74
N ARG C 76 -37.43 -4.66 -13.94
CA ARG C 76 -36.87 -3.89 -15.04
C ARG C 76 -37.93 -2.98 -15.63
N HIS C 77 -37.49 -1.82 -16.16
CA HIS C 77 -38.42 -0.94 -16.83
C HIS C 77 -39.11 -1.70 -17.96
N PRO C 78 -40.42 -1.50 -18.15
CA PRO C 78 -41.13 -2.31 -19.15
C PRO C 78 -40.77 -1.98 -20.60
N GLN C 79 -40.11 -0.84 -20.87
CA GLN C 79 -39.61 -0.54 -22.21
C GLN C 79 -38.11 -0.79 -22.33
N TYR C 80 -37.55 -1.57 -21.41
CA TYR C 80 -36.13 -1.92 -21.50
C TYR C 80 -35.84 -2.66 -22.80
N ASN C 81 -34.88 -2.17 -23.57
CA ASN C 81 -34.51 -2.76 -24.84
C ASN C 81 -33.06 -3.19 -24.69
N GLN C 82 -32.84 -4.50 -24.55
CA GLN C 82 -31.47 -4.95 -24.30
C GLN C 82 -30.59 -4.83 -25.55
N ARG C 83 -31.17 -4.84 -26.75
CA ARG C 83 -30.38 -4.72 -27.96
C ARG C 83 -29.67 -3.36 -28.01
N THR C 84 -30.40 -2.29 -27.74
CA THR C 84 -29.90 -0.92 -27.85
C THR C 84 -29.49 -0.32 -26.51
N ILE C 85 -29.71 -1.06 -25.41
CA ILE C 85 -29.48 -0.64 -24.03
C ILE C 85 -30.28 0.62 -23.73
N GLN C 86 -31.54 0.64 -24.17
CA GLN C 86 -32.40 1.78 -23.91
C GLN C 86 -33.32 1.51 -22.74
N ASN C 87 -33.62 2.55 -21.96
CA ASN C 87 -34.47 2.44 -20.78
C ASN C 87 -33.85 1.45 -19.79
N ASP C 88 -32.55 1.61 -19.57
CA ASP C 88 -31.73 0.66 -18.82
C ASP C 88 -31.80 1.01 -17.34
N ILE C 89 -32.93 0.67 -16.72
CA ILE C 89 -33.14 0.96 -15.31
C ILE C 89 -33.93 -0.19 -14.68
N MET C 90 -33.59 -0.54 -13.43
CA MET C 90 -34.23 -1.62 -12.69
C MET C 90 -34.34 -1.28 -11.20
N LEU C 91 -35.47 -1.64 -10.60
CA LEU C 91 -35.64 -1.56 -9.16
C LEU C 91 -35.54 -2.95 -8.53
N LEU C 92 -34.72 -3.07 -7.49
CA LEU C 92 -34.68 -4.27 -6.66
C LEU C 92 -35.41 -4.03 -5.36
N GLN C 93 -36.51 -4.75 -5.13
CA GLN C 93 -37.14 -4.74 -3.84
C GLN C 93 -36.44 -5.77 -2.97
N LEU C 94 -35.86 -5.32 -1.87
CA LEU C 94 -35.11 -6.21 -0.98
C LEU C 94 -36.05 -7.12 -0.20
N SER C 95 -35.54 -8.29 0.17
CA SER C 95 -36.35 -9.26 0.90
C SER C 95 -36.58 -8.88 2.36
N ARG C 96 -35.85 -7.89 2.88
CA ARG C 96 -36.09 -7.32 4.20
C ARG C 96 -35.50 -5.92 4.19
N ARG C 97 -35.96 -5.07 5.11
CA ARG C 97 -35.44 -3.71 5.17
C ARG C 97 -34.00 -3.71 5.65
N VAL C 98 -33.21 -2.77 5.14
CA VAL C 98 -31.88 -2.58 5.66
C VAL C 98 -31.97 -2.04 7.08
N ARG C 99 -30.92 -2.28 7.88
CA ARG C 99 -30.97 -1.87 9.27
C ARG C 99 -30.81 -0.35 9.44
N ARG C 100 -30.09 0.32 8.55
CA ARG C 100 -30.02 1.79 8.49
C ARG C 100 -29.15 2.33 9.63
N ASN C 101 -27.97 2.82 9.27
CA ASN C 101 -27.02 3.39 10.23
C ASN C 101 -26.07 4.29 9.44
N ARG C 102 -25.02 4.77 10.12
CA ARG C 102 -24.06 5.68 9.47
C ARG C 102 -23.47 5.10 8.19
N ASN C 103 -23.39 3.77 8.10
CA ASN C 103 -22.73 3.14 6.97
C ASN C 103 -23.72 2.64 5.92
N VAL C 104 -25.01 2.68 6.21
CA VAL C 104 -26.04 2.18 5.28
C VAL C 104 -27.24 3.12 5.29
N ASN C 105 -27.39 3.94 4.26
CA ASN C 105 -28.60 4.76 4.18
C ASN C 105 -28.77 5.26 2.75
N PRO C 106 -29.99 5.62 2.38
CA PRO C 106 -30.30 5.88 0.96
C PRO C 106 -29.81 7.24 0.48
N VAL C 107 -29.81 7.38 -0.84
CA VAL C 107 -29.40 8.61 -1.52
C VAL C 107 -30.64 9.24 -2.13
N ALA C 108 -30.70 10.57 -2.14
CA ALA C 108 -31.83 11.29 -2.73
C ALA C 108 -31.88 11.09 -4.23
N LEU C 109 -33.07 11.25 -4.79
CA LEU C 109 -33.29 11.21 -6.23
C LEU C 109 -33.67 12.60 -6.73
N PRO C 110 -33.49 12.89 -8.01
CA PRO C 110 -33.87 14.21 -8.51
C PRO C 110 -35.38 14.34 -8.61
N ARG C 111 -35.84 15.59 -8.70
CA ARG C 111 -37.24 15.79 -9.02
C ARG C 111 -37.48 15.52 -10.50
N ALA C 112 -38.74 15.28 -10.84
CA ALA C 112 -39.10 14.91 -12.21
C ALA C 112 -38.57 15.93 -13.21
N GLN C 113 -38.04 15.42 -14.33
CA GLN C 113 -37.57 16.19 -15.50
C GLN C 113 -36.40 17.11 -15.16
N GLU C 114 -35.76 16.93 -14.00
CA GLU C 114 -34.57 17.72 -13.65
C GLU C 114 -33.49 17.58 -14.70
N GLY C 115 -33.00 18.72 -15.18
CA GLY C 115 -31.92 18.73 -16.13
C GLY C 115 -30.58 18.50 -15.46
N LEU C 116 -29.54 18.48 -16.30
CA LEU C 116 -28.18 18.28 -15.82
C LEU C 116 -27.25 18.90 -16.86
N ARG C 117 -26.81 20.13 -16.61
CA ARG C 117 -26.10 20.90 -17.62
C ARG C 117 -24.74 20.28 -17.93
N PRO C 118 -24.28 20.38 -19.19
CA PRO C 118 -22.88 20.05 -19.49
C PRO C 118 -21.93 20.84 -18.61
N GLY C 119 -20.80 20.21 -18.26
CA GLY C 119 -19.86 20.78 -17.34
C GLY C 119 -20.15 20.54 -15.87
N THR C 120 -21.34 20.03 -15.53
CA THR C 120 -21.63 19.68 -14.15
C THR C 120 -20.66 18.60 -13.71
N LEU C 121 -20.04 18.79 -12.55
CA LEU C 121 -19.07 17.83 -12.03
C LEU C 121 -19.80 16.81 -11.17
N CYS C 122 -19.60 15.52 -11.46
CA CYS C 122 -20.28 14.45 -10.75
C CYS C 122 -19.27 13.40 -10.32
N THR C 123 -19.66 12.62 -9.31
CA THR C 123 -18.85 11.50 -8.82
C THR C 123 -19.53 10.19 -9.21
N VAL C 124 -18.73 9.26 -9.72
CA VAL C 124 -19.19 7.89 -9.93
C VAL C 124 -18.30 6.97 -9.11
N ALA C 125 -18.91 5.97 -8.48
CA ALA C 125 -18.20 5.04 -7.63
C ALA C 125 -18.59 3.61 -7.95
N GLY C 126 -17.67 2.68 -7.69
CA GLY C 126 -17.97 1.28 -7.93
C GLY C 126 -16.77 0.40 -7.65
N TRP C 127 -17.02 -0.90 -7.78
CA TRP C 127 -16.02 -1.94 -7.56
C TRP C 127 -15.57 -2.57 -8.87
N GLY C 128 -15.81 -1.89 -9.99
CA GLY C 128 -15.45 -2.44 -11.28
C GLY C 128 -13.94 -2.45 -11.52
N ARG C 129 -13.56 -3.04 -12.65
CA ARG C 129 -12.14 -3.14 -13.00
C ARG C 129 -11.52 -1.76 -13.15
N VAL C 130 -10.19 -1.68 -12.93
CA VAL C 130 -9.50 -0.40 -13.06
C VAL C 130 -8.75 -0.27 -14.35
N SER C 131 -8.77 -1.31 -15.18
CA SER C 131 -8.14 -1.38 -16.49
C SER C 131 -8.48 -2.71 -17.11
N MET C 132 -7.99 -2.98 -18.33
CA MET C 132 -8.27 -4.28 -18.94
C MET C 132 -7.47 -5.43 -18.33
N ARG C 133 -6.61 -5.17 -17.33
CA ARG C 133 -5.82 -6.23 -16.73
C ARG C 133 -5.94 -6.33 -15.20
N ARG C 134 -6.58 -5.36 -14.53
CA ARG C 134 -6.54 -5.30 -13.07
C ARG C 134 -7.93 -4.97 -12.50
N GLY C 135 -8.25 -5.56 -11.35
CA GLY C 135 -9.48 -5.24 -10.65
C GLY C 135 -9.23 -4.45 -9.38
N THR C 136 -10.28 -4.38 -8.55
CA THR C 136 -10.16 -3.80 -7.22
C THR C 136 -10.92 -4.66 -6.23
N ASP C 137 -10.44 -4.68 -4.99
CA ASP C 137 -11.19 -5.26 -3.87
C ASP C 137 -12.04 -4.23 -3.14
N THR C 138 -11.66 -2.96 -3.21
CA THR C 138 -12.28 -1.90 -2.41
C THR C 138 -12.95 -0.88 -3.32
N LEU C 139 -13.94 -0.20 -2.76
CA LEU C 139 -14.67 0.82 -3.51
C LEU C 139 -13.74 1.93 -3.99
N ARG C 140 -13.88 2.31 -5.25
CA ARG C 140 -13.14 3.42 -5.82
C ARG C 140 -14.10 4.43 -6.41
N GLU C 141 -13.62 5.66 -6.61
CA GLU C 141 -14.47 6.69 -7.17
C GLU C 141 -13.67 7.60 -8.09
N VAL C 142 -14.38 8.26 -8.99
CA VAL C 142 -13.75 9.21 -9.89
C VAL C 142 -14.76 10.32 -10.14
N GLN C 143 -14.25 11.51 -10.43
CA GLN C 143 -15.13 12.62 -10.72
C GLN C 143 -15.10 12.87 -12.21
N LEU C 144 -16.28 12.91 -12.81
CA LEU C 144 -16.46 13.08 -14.24
C LEU C 144 -17.32 14.30 -14.51
N ARG C 145 -17.23 14.83 -15.72
CA ARG C 145 -18.03 15.98 -16.14
C ARG C 145 -19.07 15.55 -17.19
N VAL C 146 -20.30 16.03 -16.99
CA VAL C 146 -21.35 15.85 -18.00
C VAL C 146 -20.90 16.47 -19.31
N GLN C 147 -21.11 15.76 -20.42
CA GLN C 147 -20.68 16.19 -21.73
C GLN C 147 -21.85 16.73 -22.56
N ARG C 148 -21.50 17.46 -23.63
CA ARG C 148 -22.50 17.89 -24.60
C ARG C 148 -23.10 16.66 -25.30
N ASP C 149 -24.42 16.73 -25.54
CA ASP C 149 -25.14 15.56 -26.06
C ASP C 149 -24.56 15.09 -27.39
N ARG C 150 -24.01 16.00 -28.18
CA ARG C 150 -23.55 15.64 -29.51
C ARG C 150 -22.35 14.70 -29.48
N GLN C 151 -21.56 14.72 -28.40
CA GLN C 151 -20.44 13.79 -28.26
C GLN C 151 -20.92 12.34 -28.34
N CYS C 152 -21.91 11.99 -27.53
CA CYS C 152 -22.41 10.61 -27.54
C CYS C 152 -23.24 10.31 -28.78
N LEU C 153 -24.03 11.29 -29.27
CA LEU C 153 -24.82 11.06 -30.48
C LEU C 153 -23.96 10.60 -31.65
N ARG C 154 -22.75 11.17 -31.77
CA ARG C 154 -21.84 10.77 -32.86
C ARG C 154 -21.33 9.35 -32.66
N ILE C 155 -21.01 8.98 -31.43
CA ILE C 155 -20.26 7.78 -31.12
C ILE C 155 -21.18 6.56 -30.95
N PHE C 156 -22.35 6.77 -30.38
CA PHE C 156 -23.24 5.68 -29.97
C PHE C 156 -24.55 5.79 -30.73
N GLY C 157 -24.80 4.83 -31.62
CA GLY C 157 -25.91 4.91 -32.54
C GLY C 157 -27.27 4.93 -31.87
N SER C 158 -27.37 4.54 -30.60
CA SER C 158 -28.66 4.48 -29.94
C SER C 158 -28.75 5.36 -28.71
N TYR C 159 -27.77 6.23 -28.48
CA TYR C 159 -27.89 7.22 -27.41
C TYR C 159 -29.10 8.12 -27.63
N ASP C 160 -29.92 8.30 -26.61
CA ASP C 160 -31.13 9.13 -26.67
C ASP C 160 -31.09 10.13 -25.52
N PRO C 161 -30.84 11.40 -25.78
CA PRO C 161 -30.66 12.36 -24.68
C PRO C 161 -31.93 12.63 -23.88
N ARG C 162 -33.10 12.20 -24.35
CA ARG C 162 -34.29 12.28 -23.51
C ARG C 162 -34.13 11.39 -22.29
N ARG C 163 -33.40 10.30 -22.43
CA ARG C 163 -33.41 9.23 -21.44
C ARG C 163 -32.04 8.93 -20.87
N GLN C 164 -31.00 9.58 -21.37
CA GLN C 164 -29.63 9.20 -21.05
C GLN C 164 -28.79 10.45 -20.94
N ILE C 165 -27.63 10.30 -20.31
CA ILE C 165 -26.68 11.39 -20.10
C ILE C 165 -25.35 10.96 -20.71
N CYS C 166 -24.67 11.92 -21.32
CA CYS C 166 -23.36 11.73 -21.93
C CYS C 166 -22.32 12.21 -20.92
N VAL C 167 -21.40 11.32 -20.51
CA VAL C 167 -20.55 11.60 -19.35
C VAL C 167 -19.11 11.28 -19.71
N GLY C 168 -18.20 12.18 -19.31
CA GLY C 168 -16.79 11.88 -19.35
C GLY C 168 -16.04 12.58 -20.46
N ASP C 169 -14.89 13.14 -20.12
CA ASP C 169 -14.08 13.90 -21.06
C ASP C 169 -13.20 12.94 -21.86
N ARG C 170 -13.34 12.99 -23.19
CA ARG C 170 -12.54 12.20 -24.12
C ARG C 170 -11.04 12.31 -23.86
N ARG C 171 -10.58 13.45 -23.36
CA ARG C 171 -9.16 13.70 -23.15
C ARG C 171 -8.61 13.10 -21.87
N GLU C 172 -9.47 12.57 -20.99
CA GLU C 172 -9.07 12.04 -19.71
C GLU C 172 -9.30 10.53 -19.65
N ARG C 173 -8.36 9.80 -19.07
CA ARG C 173 -8.54 8.37 -18.83
C ARG C 173 -9.28 8.16 -17.51
N LYS C 174 -10.52 8.63 -17.47
CA LYS C 174 -11.37 8.54 -16.30
C LYS C 174 -12.75 8.11 -16.75
N ALA C 175 -13.24 7.00 -16.18
CA ALA C 175 -14.48 6.38 -16.64
C ALA C 175 -14.93 5.31 -15.65
N ALA C 176 -16.22 5.04 -15.67
CA ALA C 176 -16.74 3.80 -15.12
C ALA C 176 -16.48 2.67 -16.11
N PHE C 177 -16.23 1.48 -15.59
CA PHE C 177 -15.82 0.37 -16.46
C PHE C 177 -16.52 -0.90 -15.99
N LYS C 178 -15.93 -2.08 -16.23
CA LYS C 178 -16.68 -3.35 -16.10
C LYS C 178 -16.89 -3.71 -14.63
N GLY C 179 -18.15 -3.78 -14.22
CA GLY C 179 -18.52 -3.98 -12.83
C GLY C 179 -19.11 -2.75 -12.19
N ASP C 180 -19.02 -1.60 -12.85
CA ASP C 180 -19.59 -0.36 -12.31
C ASP C 180 -21.03 -0.13 -12.74
N SER C 181 -21.52 -0.89 -13.73
CA SER C 181 -22.90 -0.80 -14.19
C SER C 181 -23.84 -0.75 -13.00
N GLY C 182 -24.86 0.10 -13.08
CA GLY C 182 -25.83 0.20 -12.03
C GLY C 182 -25.48 1.18 -10.93
N GLY C 183 -24.21 1.57 -10.79
CA GLY C 183 -23.85 2.55 -9.79
C GLY C 183 -24.39 3.95 -10.11
N PRO C 184 -24.40 4.84 -9.13
CA PRO C 184 -25.01 6.16 -9.35
C PRO C 184 -24.01 7.17 -9.89
N LEU C 185 -24.54 8.14 -10.61
CA LEU C 185 -23.82 9.35 -10.95
C LEU C 185 -24.30 10.40 -9.96
N LEU C 186 -23.41 10.87 -9.10
CA LEU C 186 -23.79 11.77 -8.02
C LEU C 186 -23.36 13.19 -8.34
N CYS C 187 -24.33 14.09 -8.37
CA CYS C 187 -24.06 15.51 -8.55
C CYS C 187 -24.83 16.23 -7.44
N ASN C 188 -24.10 16.99 -6.63
CA ASN C 188 -24.69 17.72 -5.51
C ASN C 188 -25.47 16.79 -4.58
N ASN C 189 -24.89 15.62 -4.32
CA ASN C 189 -25.42 14.64 -3.37
C ASN C 189 -26.77 14.08 -3.82
N VAL C 190 -27.07 14.12 -5.11
CA VAL C 190 -28.31 13.59 -5.65
C VAL C 190 -27.95 12.61 -6.76
N ALA C 191 -28.65 11.47 -6.82
CA ALA C 191 -28.34 10.44 -7.81
C ALA C 191 -29.07 10.74 -9.11
N HIS C 192 -28.36 11.31 -10.08
CA HIS C 192 -28.93 11.77 -11.34
C HIS C 192 -28.82 10.75 -12.46
N GLY C 193 -27.94 9.77 -12.34
CA GLY C 193 -27.62 8.90 -13.46
C GLY C 193 -27.32 7.50 -12.96
N ILE C 194 -27.34 6.55 -13.90
CA ILE C 194 -27.01 5.15 -13.59
C ILE C 194 -26.00 4.70 -14.63
N VAL C 195 -24.86 4.14 -14.17
CA VAL C 195 -23.84 3.64 -15.09
C VAL C 195 -24.47 2.62 -16.03
N SER C 196 -24.20 2.75 -17.32
CA SER C 196 -24.90 1.86 -18.24
C SER C 196 -23.92 1.26 -19.25
N TYR C 197 -23.41 2.03 -20.22
CA TYR C 197 -22.53 1.42 -21.20
C TYR C 197 -21.49 2.41 -21.74
N GLY C 198 -20.46 1.84 -22.36
CA GLY C 198 -19.44 2.62 -23.03
C GLY C 198 -18.82 1.86 -24.19
N LYS C 199 -17.62 2.24 -24.59
CA LYS C 199 -16.86 1.40 -25.51
C LYS C 199 -16.09 0.37 -24.70
N SER C 200 -15.81 -0.78 -25.32
CA SER C 200 -15.14 -1.83 -24.56
C SER C 200 -13.73 -1.42 -24.12
N SER C 201 -13.13 -0.42 -24.80
CA SER C 201 -11.83 0.10 -24.40
C SER C 201 -11.88 0.88 -23.10
N GLY C 202 -13.07 1.32 -22.68
CA GLY C 202 -13.22 2.24 -21.58
C GLY C 202 -12.93 3.70 -21.89
N VAL C 203 -12.55 4.02 -23.12
CA VAL C 203 -12.26 5.41 -23.48
C VAL C 203 -13.55 6.21 -23.45
N PRO C 204 -13.61 7.32 -22.72
CA PRO C 204 -14.86 8.12 -22.65
C PRO C 204 -15.11 8.85 -23.96
N PRO C 205 -16.32 9.41 -24.16
CA PRO C 205 -17.46 9.43 -23.24
C PRO C 205 -18.21 8.11 -23.15
N GLU C 206 -19.07 8.02 -22.14
CA GLU C 206 -19.88 6.85 -21.87
C GLU C 206 -21.29 7.32 -21.56
N VAL C 207 -22.22 6.39 -21.53
CA VAL C 207 -23.64 6.69 -21.44
C VAL C 207 -24.17 6.22 -20.08
N PHE C 208 -24.92 7.10 -19.40
CA PHE C 208 -25.64 6.83 -18.17
C PHE C 208 -27.14 6.95 -18.40
N THR C 209 -27.90 6.17 -17.66
CA THR C 209 -29.35 6.35 -17.69
C THR C 209 -29.72 7.58 -16.90
N ARG C 210 -30.60 8.41 -17.46
CA ARG C 210 -30.99 9.68 -16.86
C ARG C 210 -32.16 9.41 -15.91
N VAL C 211 -31.87 9.38 -14.61
CA VAL C 211 -32.86 8.99 -13.60
C VAL C 211 -34.09 9.90 -13.66
N SER C 212 -33.89 11.22 -13.78
CA SER C 212 -35.01 12.13 -13.71
C SER C 212 -36.05 11.88 -14.80
N SER C 213 -35.68 11.18 -15.87
CA SER C 213 -36.63 10.81 -16.91
C SER C 213 -37.59 9.69 -16.51
N PHE C 214 -37.32 9.00 -15.39
CA PHE C 214 -38.07 7.81 -15.00
C PHE C 214 -38.73 7.97 -13.63
N LEU C 215 -38.81 9.19 -13.10
CA LEU C 215 -39.37 9.37 -11.76
C LEU C 215 -40.79 8.83 -11.61
N PRO C 216 -41.74 9.09 -12.52
CA PRO C 216 -43.08 8.49 -12.35
C PRO C 216 -43.07 6.98 -12.22
N TRP C 217 -42.34 6.27 -13.09
CA TRP C 217 -42.23 4.82 -12.99
C TRP C 217 -41.57 4.40 -11.68
N ILE C 218 -40.54 5.12 -11.25
CA ILE C 218 -39.88 4.77 -10.01
C ILE C 218 -40.85 4.88 -8.84
N ARG C 219 -41.61 5.99 -8.76
CA ARG C 219 -42.50 6.19 -7.62
C ARG C 219 -43.67 5.21 -7.63
N THR C 220 -44.24 4.96 -8.82
CA THR C 220 -45.29 3.96 -8.95
C THR C 220 -44.82 2.57 -8.54
N THR C 221 -43.61 2.17 -8.99
CA THR C 221 -43.11 0.83 -8.66
C THR C 221 -42.89 0.67 -7.16
N MET C 222 -42.31 1.66 -6.50
CA MET C 222 -42.06 1.57 -5.06
C MET C 222 -43.31 1.79 -4.21
N ARG C 223 -44.46 2.05 -4.82
CA ARG C 223 -45.66 2.47 -4.09
C ARG C 223 -46.29 1.32 -3.30
N ILE D 1 14.57 -37.90 -32.22
CA ILE D 1 14.21 -39.31 -32.04
C ILE D 1 14.31 -40.05 -33.38
N ILE D 2 15.21 -41.03 -33.46
CA ILE D 2 15.37 -41.86 -34.66
C ILE D 2 14.50 -43.10 -34.52
N GLY D 3 13.80 -43.48 -35.60
CA GLY D 3 13.02 -44.72 -35.61
C GLY D 3 11.79 -44.71 -34.72
N GLY D 4 11.36 -43.54 -34.26
CA GLY D 4 10.24 -43.44 -33.35
C GLY D 4 8.94 -43.12 -34.08
N ARG D 5 7.95 -42.74 -33.29
CA ARG D 5 6.63 -42.43 -33.78
C ARG D 5 6.23 -41.11 -33.15
N GLU D 6 5.33 -40.39 -33.81
CA GLU D 6 4.79 -39.20 -33.19
C GLU D 6 4.01 -39.57 -31.94
N SER D 7 4.21 -38.82 -30.86
CA SER D 7 3.47 -39.10 -29.63
C SER D 7 2.03 -38.65 -29.77
N ARG D 8 1.15 -39.31 -29.03
CA ARG D 8 -0.20 -38.78 -28.85
C ARG D 8 -0.07 -37.41 -28.20
N PRO D 9 -0.71 -36.38 -28.74
CA PRO D 9 -0.54 -35.02 -28.19
C PRO D 9 -0.88 -34.96 -26.70
N HIS D 10 0.03 -34.38 -25.93
CA HIS D 10 -0.07 -34.18 -24.49
C HIS D 10 -0.09 -35.47 -23.70
N SER D 11 0.29 -36.60 -24.31
CA SER D 11 0.38 -37.84 -23.54
C SER D 11 1.58 -37.88 -22.62
N ARG D 12 2.51 -36.92 -22.72
CA ARG D 12 3.69 -36.84 -21.87
C ARG D 12 3.78 -35.42 -21.31
N PRO D 13 2.91 -35.08 -20.36
CA PRO D 13 2.73 -33.68 -19.95
C PRO D 13 3.87 -33.12 -19.14
N TYR D 14 4.87 -33.92 -18.79
CA TYR D 14 6.07 -33.48 -18.11
C TYR D 14 7.16 -33.01 -19.08
N MET D 15 6.98 -33.16 -20.39
CA MET D 15 8.08 -32.86 -21.31
C MET D 15 8.30 -31.35 -21.37
N ALA D 16 9.57 -30.96 -21.38
CA ALA D 16 9.95 -29.57 -21.47
C ALA D 16 10.80 -29.38 -22.72
N TYR D 17 10.60 -28.27 -23.41
CA TYR D 17 11.40 -27.90 -24.57
C TYR D 17 12.22 -26.69 -24.19
N LEU D 18 13.52 -26.76 -24.40
CA LEU D 18 14.44 -25.71 -23.96
C LEU D 18 15.03 -24.97 -25.14
N GLN D 19 14.92 -23.64 -25.13
CA GLN D 19 15.65 -22.79 -26.04
C GLN D 19 16.77 -22.11 -25.26
N ILE D 20 17.98 -22.28 -25.74
CA ILE D 20 19.19 -22.01 -24.96
C ILE D 20 20.01 -20.99 -25.72
N GLN D 21 20.40 -19.91 -25.05
CA GLN D 21 21.33 -18.95 -25.62
C GLN D 21 22.75 -19.42 -25.37
N SER D 22 23.54 -19.50 -26.43
CA SER D 22 24.97 -19.74 -26.35
C SER D 22 25.72 -18.53 -26.89
N PRO D 23 26.96 -18.30 -26.47
CA PRO D 23 27.68 -17.08 -26.90
C PRO D 23 27.90 -17.01 -28.41
N ALA D 24 27.72 -18.10 -29.14
CA ALA D 24 27.89 -18.10 -30.58
C ALA D 24 26.61 -18.36 -31.36
N GLY D 25 25.50 -18.67 -30.70
CA GLY D 25 24.27 -18.93 -31.41
C GLY D 25 23.19 -19.45 -30.49
N GLN D 26 22.52 -20.53 -30.86
CA GLN D 26 21.50 -21.05 -29.98
C GLN D 26 21.47 -22.56 -30.05
N SER D 27 20.91 -23.15 -29.01
CA SER D 27 20.78 -24.59 -28.87
C SER D 27 19.38 -24.90 -28.40
N ARG D 28 18.98 -26.14 -28.67
CA ARG D 28 17.69 -26.69 -28.28
C ARG D 28 17.92 -28.04 -27.61
N CYS D 29 17.21 -28.25 -26.51
CA CYS D 29 17.25 -29.50 -25.77
C CYS D 29 15.83 -29.81 -25.31
N GLY D 30 15.68 -31.00 -24.73
CA GLY D 30 14.52 -31.33 -23.96
C GLY D 30 14.78 -31.24 -22.46
N GLY D 31 13.79 -31.67 -21.69
CA GLY D 31 13.87 -31.63 -20.24
C GLY D 31 12.58 -32.21 -19.73
N PHE D 32 12.46 -32.32 -18.41
CA PHE D 32 11.20 -32.81 -17.88
C PHE D 32 10.91 -32.16 -16.53
N LEU D 33 9.64 -31.84 -16.33
CA LEU D 33 9.16 -31.26 -15.10
C LEU D 33 9.21 -32.28 -13.98
N VAL D 34 9.85 -31.91 -12.86
CA VAL D 34 9.91 -32.77 -11.70
C VAL D 34 9.24 -32.16 -10.49
N ARG D 35 8.93 -30.87 -10.53
CA ARG D 35 8.09 -30.21 -9.53
C ARG D 35 7.55 -28.97 -10.20
N GLU D 36 6.53 -28.35 -9.59
CA GLU D 36 5.89 -27.19 -10.20
C GLU D 36 6.88 -26.09 -10.57
N ASP D 37 8.04 -26.04 -9.91
CA ASP D 37 9.03 -24.98 -10.11
C ASP D 37 10.38 -25.49 -10.61
N PHE D 38 10.50 -26.77 -10.94
CA PHE D 38 11.80 -27.33 -11.30
C PHE D 38 11.72 -28.25 -12.51
N VAL D 39 12.67 -28.09 -13.43
CA VAL D 39 12.82 -28.91 -14.62
C VAL D 39 14.19 -29.56 -14.56
N LEU D 40 14.23 -30.86 -14.80
CA LEU D 40 15.49 -31.59 -14.85
C LEU D 40 15.90 -31.76 -16.31
N THR D 41 17.21 -31.64 -16.57
CA THR D 41 17.72 -31.73 -17.93
C THR D 41 19.20 -32.09 -17.82
N ALA D 42 19.92 -32.02 -18.95
CA ALA D 42 21.35 -32.30 -18.97
C ALA D 42 22.14 -31.02 -18.74
N ALA D 43 23.28 -31.17 -18.07
CA ALA D 43 24.13 -30.00 -17.79
C ALA D 43 24.69 -29.38 -19.06
N HIS D 44 24.86 -30.14 -20.14
CA HIS D 44 25.38 -29.52 -21.35
C HIS D 44 24.32 -28.72 -22.10
N CYS D 45 23.07 -28.73 -21.62
CA CYS D 45 22.04 -27.83 -22.14
C CYS D 45 22.07 -26.46 -21.46
N TRP D 46 23.10 -26.19 -20.68
CA TRP D 46 23.22 -24.93 -19.99
C TRP D 46 23.50 -23.78 -20.96
N GLY D 47 22.98 -22.61 -20.61
CA GLY D 47 23.30 -21.38 -21.31
C GLY D 47 22.96 -20.20 -20.44
N SER D 48 23.43 -19.02 -20.84
CA SER D 48 23.24 -17.82 -20.03
C SER D 48 21.76 -17.46 -19.86
N ASN D 49 20.94 -17.81 -20.85
CA ASN D 49 19.50 -17.58 -20.82
C ASN D 49 18.85 -18.82 -21.38
N ILE D 50 17.82 -19.31 -20.71
CA ILE D 50 17.10 -20.51 -21.10
C ILE D 50 15.61 -20.21 -21.00
N ASN D 51 14.88 -20.46 -22.06
CA ASN D 51 13.43 -20.37 -22.08
C ASN D 51 12.88 -21.77 -22.10
N VAL D 52 11.93 -22.05 -21.22
CA VAL D 52 11.38 -23.39 -21.08
C VAL D 52 9.95 -23.35 -21.61
N THR D 53 9.58 -24.32 -22.44
CA THR D 53 8.21 -24.39 -22.92
C THR D 53 7.60 -25.71 -22.42
N LEU D 54 6.52 -25.60 -21.66
CA LEU D 54 5.74 -26.75 -21.23
C LEU D 54 4.44 -26.80 -22.01
N GLY D 55 3.77 -27.95 -22.00
CA GLY D 55 2.46 -28.05 -22.61
C GLY D 55 2.48 -28.21 -24.10
N ALA D 56 3.65 -28.44 -24.68
CA ALA D 56 3.82 -28.38 -26.12
C ALA D 56 3.58 -29.73 -26.76
N HIS D 57 3.02 -29.71 -27.97
CA HIS D 57 3.15 -30.82 -28.89
C HIS D 57 3.86 -30.39 -30.17
N ASN D 58 3.26 -29.48 -30.94
CA ASN D 58 3.92 -28.86 -32.08
C ASN D 58 4.62 -27.60 -31.58
N ILE D 59 5.94 -27.66 -31.50
CA ILE D 59 6.74 -26.59 -30.89
C ILE D 59 7.02 -25.46 -31.87
N GLN D 60 6.76 -25.66 -33.16
CA GLN D 60 6.85 -24.58 -34.14
C GLN D 60 5.60 -23.73 -34.23
N ARG D 61 4.55 -24.05 -33.48
CA ARG D 61 3.35 -23.24 -33.37
C ARG D 61 3.21 -22.71 -31.96
N ARG D 62 2.55 -21.56 -31.83
CA ARG D 62 2.31 -20.98 -30.51
C ARG D 62 0.95 -21.47 -30.02
N GLU D 63 0.97 -22.67 -29.45
CA GLU D 63 -0.25 -23.39 -29.10
C GLU D 63 -0.85 -22.81 -27.83
N ASN D 64 -2.18 -22.91 -27.72
CA ASN D 64 -2.84 -22.34 -26.55
C ASN D 64 -2.61 -23.15 -25.27
N THR D 65 -2.01 -24.34 -25.36
CA THR D 65 -1.63 -25.13 -24.18
C THR D 65 -0.23 -24.83 -23.68
N GLN D 66 0.59 -24.14 -24.46
CA GLN D 66 1.98 -23.95 -24.08
C GLN D 66 2.09 -22.93 -22.95
N GLN D 67 3.04 -23.17 -22.05
CA GLN D 67 3.43 -22.20 -21.03
C GLN D 67 4.90 -21.89 -21.23
N HIS D 68 5.25 -20.62 -21.30
CA HIS D 68 6.62 -20.19 -21.60
C HIS D 68 7.20 -19.55 -20.34
N ILE D 69 8.21 -20.18 -19.75
CA ILE D 69 8.76 -19.70 -18.49
C ILE D 69 10.27 -19.63 -18.63
N THR D 70 10.86 -18.50 -18.27
CA THR D 70 12.32 -18.47 -18.29
C THR D 70 12.87 -19.21 -17.08
N ALA D 71 14.08 -19.75 -17.21
CA ALA D 71 14.73 -20.34 -16.06
C ALA D 71 15.36 -19.22 -15.23
N ARG D 72 15.03 -19.22 -13.94
CA ARG D 72 15.55 -18.22 -13.03
C ARG D 72 16.97 -18.58 -12.60
N ARG D 73 17.21 -19.87 -12.36
CA ARG D 73 18.52 -20.41 -12.03
C ARG D 73 18.73 -21.69 -12.82
N ALA D 74 19.97 -21.92 -13.25
CA ALA D 74 20.34 -23.15 -13.95
C ALA D 74 21.52 -23.76 -13.20
N ILE D 75 21.25 -24.84 -12.46
CA ILE D 75 22.17 -25.38 -11.47
C ILE D 75 22.75 -26.68 -12.01
N ARG D 76 23.97 -26.61 -12.52
CA ARG D 76 24.64 -27.82 -12.98
C ARG D 76 25.29 -28.55 -11.81
N HIS D 77 25.38 -29.87 -11.92
CA HIS D 77 26.01 -30.64 -10.87
C HIS D 77 27.45 -30.15 -10.65
N PRO D 78 27.89 -30.01 -9.41
CA PRO D 78 29.22 -29.43 -9.13
C PRO D 78 30.37 -30.19 -9.73
N GLN D 79 30.19 -31.48 -10.01
CA GLN D 79 31.22 -32.31 -10.62
C GLN D 79 30.98 -32.57 -12.09
N TYR D 80 30.12 -31.76 -12.73
CA TYR D 80 29.96 -31.84 -14.17
C TYR D 80 31.30 -31.61 -14.86
N ASN D 81 31.65 -32.53 -15.76
CA ASN D 81 32.89 -32.46 -16.54
C ASN D 81 32.47 -32.37 -17.99
N GLN D 82 32.62 -31.18 -18.59
CA GLN D 82 32.12 -31.00 -19.95
C GLN D 82 32.97 -31.74 -20.98
N ARG D 83 34.25 -32.01 -20.71
CA ARG D 83 35.08 -32.72 -21.69
C ARG D 83 34.63 -34.16 -21.87
N THR D 84 34.41 -34.86 -20.77
CA THR D 84 34.05 -36.27 -20.81
C THR D 84 32.55 -36.50 -20.77
N ILE D 85 31.76 -35.45 -20.55
CA ILE D 85 30.31 -35.51 -20.38
C ILE D 85 29.96 -36.38 -19.19
N GLN D 86 30.62 -36.15 -18.06
CA GLN D 86 30.35 -36.92 -16.85
C GLN D 86 29.55 -36.07 -15.87
N ASN D 87 28.71 -36.73 -15.07
CA ASN D 87 27.82 -36.03 -14.11
C ASN D 87 26.98 -34.98 -14.84
N ASP D 88 26.31 -35.43 -15.88
CA ASP D 88 25.72 -34.51 -16.86
C ASP D 88 24.25 -34.32 -16.48
N ILE D 89 24.02 -33.50 -15.46
CA ILE D 89 22.67 -33.32 -14.92
C ILE D 89 22.56 -31.87 -14.45
N MET D 90 21.38 -31.29 -14.62
CA MET D 90 21.18 -29.90 -14.29
C MET D 90 19.74 -29.70 -13.84
N LEU D 91 19.54 -28.85 -12.84
CA LEU D 91 18.22 -28.40 -12.43
C LEU D 91 17.99 -26.97 -12.92
N LEU D 92 16.82 -26.74 -13.51
CA LEU D 92 16.35 -25.41 -13.84
C LEU D 92 15.27 -25.04 -12.84
N GLN D 93 15.51 -23.97 -12.09
CA GLN D 93 14.46 -23.38 -11.27
C GLN D 93 13.70 -22.38 -12.12
N LEU D 94 12.41 -22.62 -12.30
CA LEU D 94 11.60 -21.72 -13.14
C LEU D 94 11.36 -20.39 -12.44
N SER D 95 11.21 -19.35 -13.26
CA SER D 95 10.89 -18.03 -12.73
C SER D 95 9.50 -17.95 -12.12
N ARG D 96 8.60 -18.86 -12.47
CA ARG D 96 7.32 -18.93 -11.78
C ARG D 96 6.86 -20.38 -11.83
N ARG D 97 5.96 -20.74 -10.93
CA ARG D 97 5.42 -22.08 -10.98
C ARG D 97 4.56 -22.25 -12.22
N VAL D 98 4.62 -23.44 -12.80
CA VAL D 98 3.72 -23.77 -13.87
C VAL D 98 2.28 -23.79 -13.36
N ARG D 99 1.34 -23.62 -14.29
CA ARG D 99 -0.06 -23.94 -14.01
C ARG D 99 -0.26 -25.42 -14.26
N ARG D 100 -0.43 -26.20 -13.19
CA ARG D 100 -0.65 -27.62 -13.36
C ARG D 100 -2.02 -27.88 -13.98
N ASN D 101 -2.05 -28.67 -15.05
CA ASN D 101 -3.30 -29.12 -15.64
C ASN D 101 -3.00 -30.44 -16.35
N ARG D 102 -3.99 -31.01 -17.02
CA ARG D 102 -3.76 -32.35 -17.56
C ARG D 102 -2.67 -32.37 -18.64
N ASN D 103 -2.32 -31.21 -19.21
CA ASN D 103 -1.27 -31.13 -20.22
C ASN D 103 0.07 -30.70 -19.65
N VAL D 104 0.14 -30.34 -18.38
CA VAL D 104 1.38 -29.89 -17.74
C VAL D 104 1.35 -30.42 -16.30
N ASN D 105 2.24 -31.38 -15.99
CA ASN D 105 2.38 -31.87 -14.62
C ASN D 105 3.64 -32.75 -14.55
N PRO D 106 4.22 -32.89 -13.37
CA PRO D 106 5.57 -33.44 -13.26
C PRO D 106 5.58 -34.96 -13.32
N VAL D 107 6.77 -35.51 -13.53
CA VAL D 107 6.95 -36.96 -13.55
C VAL D 107 7.71 -37.37 -12.29
N ALA D 108 7.39 -38.56 -11.79
CA ALA D 108 8.07 -39.11 -10.62
C ALA D 108 9.53 -39.42 -10.91
N LEU D 109 10.36 -39.31 -9.88
CA LEU D 109 11.76 -39.72 -9.87
C LEU D 109 11.92 -41.07 -9.17
N PRO D 110 13.01 -41.77 -9.44
CA PRO D 110 13.24 -43.06 -8.77
C PRO D 110 13.68 -42.85 -7.33
N ARG D 111 13.60 -43.93 -6.56
CA ARG D 111 14.20 -43.91 -5.23
C ARG D 111 15.72 -43.99 -5.33
N ALA D 112 16.40 -43.59 -4.26
CA ALA D 112 17.85 -43.44 -4.30
C ALA D 112 18.55 -44.76 -4.57
N GLN D 113 19.56 -44.71 -5.45
CA GLN D 113 20.37 -45.87 -5.83
C GLN D 113 19.52 -47.02 -6.39
N GLU D 114 18.28 -46.72 -6.80
CA GLU D 114 17.46 -47.70 -7.48
C GLU D 114 18.12 -48.14 -8.79
N GLY D 115 18.10 -49.45 -9.04
CA GLY D 115 18.75 -50.02 -10.21
C GLY D 115 17.87 -49.99 -11.44
N LEU D 116 18.41 -50.57 -12.53
CA LEU D 116 17.71 -50.61 -13.81
C LEU D 116 18.34 -51.73 -14.63
N ARG D 117 17.70 -52.90 -14.60
CA ARG D 117 18.33 -54.10 -15.12
C ARG D 117 18.44 -54.05 -16.64
N PRO D 118 19.50 -54.63 -17.21
CA PRO D 118 19.54 -54.82 -18.67
C PRO D 118 18.32 -55.57 -19.16
N GLY D 119 17.77 -55.11 -20.28
CA GLY D 119 16.55 -55.68 -20.83
C GLY D 119 15.29 -54.92 -20.50
N THR D 120 15.35 -54.02 -19.52
CA THR D 120 14.21 -53.18 -19.18
C THR D 120 13.79 -52.35 -20.39
N LEU D 121 12.49 -52.36 -20.67
CA LEU D 121 11.93 -51.57 -21.76
C LEU D 121 11.63 -50.16 -21.27
N CYS D 122 12.13 -49.16 -21.99
CA CYS D 122 11.99 -47.77 -21.58
C CYS D 122 11.54 -46.95 -22.78
N THR D 123 10.96 -45.79 -22.50
CA THR D 123 10.53 -44.88 -23.54
C THR D 123 11.32 -43.59 -23.40
N VAL D 124 11.75 -43.04 -24.54
CA VAL D 124 12.36 -41.72 -24.57
C VAL D 124 11.58 -40.88 -25.57
N ALA D 125 11.38 -39.61 -25.25
CA ALA D 125 10.65 -38.70 -26.12
C ALA D 125 11.45 -37.43 -26.34
N GLY D 126 11.23 -36.79 -27.47
CA GLY D 126 11.84 -35.49 -27.66
C GLY D 126 11.47 -34.89 -29.00
N TRP D 127 11.96 -33.68 -29.20
CA TRP D 127 11.75 -32.93 -30.43
C TRP D 127 12.99 -32.93 -31.31
N GLY D 128 13.91 -33.87 -31.07
CA GLY D 128 15.15 -33.88 -31.81
C GLY D 128 14.99 -34.36 -33.23
N ARG D 129 16.07 -34.23 -33.98
CA ARG D 129 16.10 -34.67 -35.37
C ARG D 129 15.82 -36.16 -35.49
N VAL D 130 15.27 -36.55 -36.64
CA VAL D 130 14.87 -37.93 -36.88
C VAL D 130 15.85 -38.65 -37.79
N SER D 131 16.83 -37.95 -38.35
CA SER D 131 17.90 -38.49 -39.18
C SER D 131 18.93 -37.40 -39.31
N MET D 132 19.97 -37.65 -40.10
CA MET D 132 20.95 -36.61 -40.41
C MET D 132 20.44 -35.62 -41.46
N ARG D 133 19.19 -35.71 -41.88
CA ARG D 133 18.65 -34.82 -42.89
C ARG D 133 17.30 -34.20 -42.57
N ARG D 134 16.60 -34.67 -41.53
CA ARG D 134 15.24 -34.19 -41.26
C ARG D 134 15.03 -34.00 -39.77
N GLY D 135 14.21 -33.01 -39.44
CA GLY D 135 13.76 -32.80 -38.08
C GLY D 135 12.29 -33.12 -37.92
N THR D 136 11.74 -32.71 -36.79
CA THR D 136 10.31 -32.79 -36.52
C THR D 136 9.84 -31.49 -35.89
N ASP D 137 8.58 -31.13 -36.15
CA ASP D 137 7.94 -30.05 -35.41
C ASP D 137 7.23 -30.53 -34.14
N THR D 138 6.85 -31.80 -34.10
CA THR D 138 6.00 -32.36 -33.06
C THR D 138 6.77 -33.40 -32.25
N LEU D 139 6.30 -33.61 -31.02
CA LEU D 139 6.96 -34.56 -30.12
C LEU D 139 6.91 -35.97 -30.68
N ARG D 140 8.02 -36.67 -30.57
CA ARG D 140 8.13 -38.06 -31.02
C ARG D 140 8.69 -38.89 -29.88
N GLU D 141 8.50 -40.20 -29.97
CA GLU D 141 8.96 -41.06 -28.89
C GLU D 141 9.35 -42.41 -29.46
N VAL D 142 10.19 -43.13 -28.73
CA VAL D 142 10.61 -44.45 -29.17
C VAL D 142 10.90 -45.30 -27.94
N GLN D 143 10.68 -46.61 -28.07
CA GLN D 143 10.97 -47.52 -26.97
C GLN D 143 12.35 -48.12 -27.17
N LEU D 144 13.14 -48.14 -26.10
CA LEU D 144 14.52 -48.60 -26.13
C LEU D 144 14.75 -49.61 -25.01
N ARG D 145 15.71 -50.50 -25.21
CA ARG D 145 16.09 -51.47 -24.19
C ARG D 145 17.37 -51.07 -23.49
N VAL D 146 17.37 -51.15 -22.16
CA VAL D 146 18.61 -50.96 -21.40
C VAL D 146 19.58 -52.09 -21.73
N GLN D 147 20.86 -51.73 -21.87
CA GLN D 147 21.90 -52.61 -22.34
C GLN D 147 22.84 -53.03 -21.22
N ARG D 148 23.51 -54.15 -21.43
CA ARG D 148 24.61 -54.55 -20.58
C ARG D 148 25.69 -53.49 -20.62
N ASP D 149 26.27 -53.21 -19.44
CA ASP D 149 27.20 -52.08 -19.32
C ASP D 149 28.38 -52.21 -20.26
N ARG D 150 28.82 -53.43 -20.54
CA ARG D 150 30.05 -53.56 -21.32
C ARG D 150 29.87 -53.13 -22.77
N GLN D 151 28.64 -53.00 -23.25
CA GLN D 151 28.45 -52.45 -24.59
C GLN D 151 28.97 -51.02 -24.66
N CYS D 152 28.59 -50.18 -23.70
CA CYS D 152 29.07 -48.81 -23.69
C CYS D 152 30.51 -48.71 -23.18
N LEU D 153 30.94 -49.58 -22.25
CA LEU D 153 32.34 -49.55 -21.79
C LEU D 153 33.30 -49.69 -22.97
N ARG D 154 33.00 -50.60 -23.89
CA ARG D 154 33.91 -50.84 -25.01
C ARG D 154 33.97 -49.66 -25.98
N ILE D 155 32.87 -48.90 -26.10
CA ILE D 155 32.64 -47.96 -27.20
C ILE D 155 32.95 -46.54 -26.78
N PHE D 156 32.71 -46.20 -25.50
CA PHE D 156 32.79 -44.84 -24.99
C PHE D 156 33.81 -44.80 -23.86
N GLY D 157 34.91 -44.06 -24.06
CA GLY D 157 36.04 -44.11 -23.15
C GLY D 157 35.76 -43.63 -21.74
N SER D 158 34.74 -42.79 -21.56
CA SER D 158 34.42 -42.23 -20.24
C SER D 158 33.06 -42.64 -19.72
N TYR D 159 32.41 -43.62 -20.34
CA TYR D 159 31.21 -44.18 -19.76
C TYR D 159 31.51 -44.74 -18.37
N ASP D 160 30.66 -44.39 -17.40
CA ASP D 160 30.79 -44.86 -16.01
C ASP D 160 29.45 -45.43 -15.54
N PRO D 161 29.33 -46.75 -15.40
CA PRO D 161 28.03 -47.33 -15.04
C PRO D 161 27.56 -46.98 -13.64
N ARG D 162 28.41 -46.39 -12.79
CA ARG D 162 27.93 -45.91 -11.51
C ARG D 162 27.01 -44.70 -11.69
N ARG D 163 27.23 -43.93 -12.74
CA ARG D 163 26.58 -42.64 -12.92
C ARG D 163 25.75 -42.57 -14.21
N GLN D 164 25.78 -43.60 -15.04
CA GLN D 164 25.25 -43.52 -16.39
C GLN D 164 24.59 -44.85 -16.76
N ILE D 165 23.72 -44.81 -17.77
CA ILE D 165 22.98 -45.97 -18.24
C ILE D 165 23.34 -46.17 -19.70
N CYS D 166 23.57 -47.43 -20.08
CA CYS D 166 23.81 -47.81 -21.48
C CYS D 166 22.50 -48.24 -22.10
N VAL D 167 22.10 -47.61 -23.21
CA VAL D 167 20.75 -47.75 -23.74
C VAL D 167 20.78 -47.91 -25.25
N GLY D 168 19.96 -48.82 -25.75
CA GLY D 168 19.75 -48.96 -27.19
C GLY D 168 20.46 -50.18 -27.73
N ASP D 169 19.82 -50.83 -28.69
CA ASP D 169 20.35 -52.06 -29.29
C ASP D 169 21.01 -51.69 -30.62
N ARG D 170 22.28 -52.05 -30.79
CA ARG D 170 23.00 -51.74 -32.03
C ARG D 170 22.32 -52.31 -33.26
N ARG D 171 21.56 -53.39 -33.10
CA ARG D 171 20.90 -54.01 -34.24
C ARG D 171 19.69 -53.23 -34.71
N GLU D 172 19.17 -52.29 -33.90
CA GLU D 172 17.99 -51.53 -34.23
C GLU D 172 18.38 -50.08 -34.52
N ARG D 173 17.67 -49.45 -35.46
CA ARG D 173 17.88 -48.04 -35.76
C ARG D 173 16.88 -47.22 -34.95
N LYS D 174 17.06 -47.25 -33.63
CA LYS D 174 16.18 -46.55 -32.72
C LYS D 174 17.07 -45.88 -31.69
N ALA D 175 16.90 -44.58 -31.50
CA ALA D 175 17.78 -43.83 -30.62
C ALA D 175 17.21 -42.44 -30.36
N ALA D 176 17.62 -41.85 -29.24
CA ALA D 176 17.56 -40.40 -29.09
C ALA D 176 18.69 -39.77 -29.91
N PHE D 177 18.46 -38.57 -30.43
CA PHE D 177 19.41 -37.94 -31.36
C PHE D 177 19.46 -36.44 -31.07
N LYS D 178 19.89 -35.63 -32.05
CA LYS D 178 20.26 -34.23 -31.81
C LYS D 178 19.03 -33.39 -31.45
N GLY D 179 19.03 -32.81 -30.26
CA GLY D 179 17.90 -32.07 -29.74
C GLY D 179 17.13 -32.82 -28.67
N ASP D 180 17.40 -34.11 -28.52
CA ASP D 180 16.73 -34.90 -27.48
C ASP D 180 17.45 -34.85 -26.14
N SER D 181 18.68 -34.32 -26.10
CA SER D 181 19.43 -34.16 -24.85
C SER D 181 18.55 -33.58 -23.77
N GLY D 182 18.67 -34.13 -22.56
CA GLY D 182 17.92 -33.64 -21.42
C GLY D 182 16.57 -34.28 -21.24
N GLY D 183 16.01 -34.90 -22.28
CA GLY D 183 14.74 -35.59 -22.13
C GLY D 183 14.83 -36.79 -21.21
N PRO D 184 13.67 -37.28 -20.74
CA PRO D 184 13.67 -38.39 -19.77
C PRO D 184 13.73 -39.74 -20.44
N LEU D 185 14.32 -40.69 -19.73
CA LEU D 185 14.15 -42.11 -20.03
C LEU D 185 13.09 -42.63 -19.07
N LEU D 186 11.92 -42.98 -19.59
CA LEU D 186 10.81 -43.40 -18.76
C LEU D 186 10.74 -44.92 -18.74
N CYS D 187 10.84 -45.50 -17.53
CA CYS D 187 10.64 -46.92 -17.34
C CYS D 187 9.62 -47.08 -16.23
N ASN D 188 8.48 -47.71 -16.56
CA ASN D 188 7.36 -47.84 -15.63
C ASN D 188 6.92 -46.48 -15.11
N ASN D 189 6.89 -45.48 -16.01
CA ASN D 189 6.38 -44.14 -15.71
C ASN D 189 7.17 -43.43 -14.62
N VAL D 190 8.44 -43.79 -14.47
CA VAL D 190 9.36 -43.10 -13.59
C VAL D 190 10.53 -42.66 -14.45
N ALA D 191 11.03 -41.45 -14.22
CA ALA D 191 12.18 -40.97 -15.03
C ALA D 191 13.46 -41.49 -14.41
N HIS D 192 14.05 -42.53 -15.01
CA HIS D 192 15.30 -43.09 -14.52
C HIS D 192 16.54 -42.51 -15.18
N GLY D 193 16.41 -41.87 -16.35
CA GLY D 193 17.57 -41.45 -17.10
C GLY D 193 17.36 -40.11 -17.75
N ILE D 194 18.48 -39.51 -18.20
CA ILE D 194 18.49 -38.26 -18.94
C ILE D 194 19.29 -38.46 -20.21
N VAL D 195 18.70 -38.11 -21.37
CA VAL D 195 19.43 -38.23 -22.64
C VAL D 195 20.69 -37.41 -22.54
N SER D 196 21.83 -38.03 -22.88
CA SER D 196 23.09 -37.32 -22.74
C SER D 196 23.91 -37.37 -24.02
N TYR D 197 24.49 -38.52 -24.40
CA TYR D 197 25.35 -38.49 -25.58
C TYR D 197 25.37 -39.83 -26.31
N GLY D 198 25.94 -39.79 -27.50
CA GLY D 198 26.16 -40.99 -28.28
C GLY D 198 27.24 -40.79 -29.31
N LYS D 199 27.11 -41.53 -30.42
CA LYS D 199 27.93 -41.28 -31.59
C LYS D 199 27.22 -40.28 -32.48
N SER D 200 27.99 -39.52 -33.26
CA SER D 200 27.32 -38.53 -34.11
C SER D 200 26.52 -39.18 -35.24
N SER D 201 26.81 -40.44 -35.58
CA SER D 201 25.99 -41.17 -36.54
C SER D 201 24.58 -41.46 -36.03
N GLY D 202 24.38 -41.45 -34.70
CA GLY D 202 23.13 -41.89 -34.11
C GLY D 202 23.00 -43.39 -33.91
N VAL D 203 23.98 -44.17 -34.37
CA VAL D 203 23.92 -45.63 -34.18
C VAL D 203 24.01 -45.95 -32.69
N PRO D 204 23.12 -46.78 -32.15
CA PRO D 204 23.18 -47.15 -30.72
C PRO D 204 24.32 -48.12 -30.46
N PRO D 205 24.68 -48.37 -29.19
CA PRO D 205 24.07 -47.83 -27.96
C PRO D 205 24.46 -46.37 -27.71
N GLU D 206 23.77 -45.75 -26.76
CA GLU D 206 24.02 -44.38 -26.36
C GLU D 206 23.96 -44.31 -24.84
N VAL D 207 24.32 -43.15 -24.30
CA VAL D 207 24.57 -43.02 -22.87
C VAL D 207 23.57 -42.04 -22.28
N PHE D 208 22.90 -42.45 -21.20
CA PHE D 208 22.02 -41.59 -20.43
C PHE D 208 22.62 -41.36 -19.05
N THR D 209 22.35 -40.20 -18.46
CA THR D 209 22.70 -40.00 -17.06
C THR D 209 21.76 -40.81 -16.17
N ARG D 210 22.31 -41.52 -15.18
CA ARG D 210 21.51 -42.32 -14.27
C ARG D 210 20.95 -41.44 -13.15
N VAL D 211 19.65 -41.13 -13.20
CA VAL D 211 19.07 -40.18 -12.23
C VAL D 211 19.24 -40.67 -10.80
N SER D 212 19.02 -41.97 -10.57
CA SER D 212 19.02 -42.46 -9.20
C SER D 212 20.38 -42.32 -8.51
N SER D 213 21.45 -42.03 -9.25
CA SER D 213 22.75 -41.77 -8.66
C SER D 213 22.88 -40.37 -8.09
N PHE D 214 21.95 -39.47 -8.39
CA PHE D 214 22.09 -38.07 -7.98
C PHE D 214 20.96 -37.61 -7.07
N LEU D 215 20.20 -38.54 -6.48
CA LEU D 215 19.02 -38.13 -5.73
C LEU D 215 19.33 -37.22 -4.55
N PRO D 216 20.34 -37.47 -3.70
CA PRO D 216 20.62 -36.51 -2.62
C PRO D 216 20.92 -35.12 -3.12
N TRP D 217 21.71 -34.99 -4.20
CA TRP D 217 21.95 -33.67 -4.79
C TRP D 217 20.66 -33.06 -5.32
N ILE D 218 19.82 -33.86 -5.99
CA ILE D 218 18.57 -33.32 -6.52
C ILE D 218 17.70 -32.80 -5.38
N ARG D 219 17.57 -33.58 -4.31
CA ARG D 219 16.72 -33.17 -3.19
C ARG D 219 17.31 -31.97 -2.47
N THR D 220 18.63 -31.92 -2.30
CA THR D 220 19.26 -30.78 -1.64
C THR D 220 19.08 -29.50 -2.45
N THR D 221 19.28 -29.58 -3.77
CA THR D 221 19.16 -28.40 -4.62
C THR D 221 17.73 -27.86 -4.62
N MET D 222 16.73 -28.76 -4.63
CA MET D 222 15.35 -28.33 -4.78
C MET D 222 14.76 -27.76 -3.50
N ARG D 223 15.14 -28.31 -2.35
CA ARG D 223 14.42 -27.98 -1.11
C ARG D 223 15.27 -27.21 -0.11
N SER E 2 -14.86 -27.12 -8.05
CA SER E 2 -14.52 -27.89 -9.24
C SER E 2 -14.80 -27.14 -10.54
N THR E 3 -15.26 -25.89 -10.43
CA THR E 3 -15.54 -25.07 -11.60
C THR E 3 -14.87 -23.71 -11.44
N ILE E 4 -14.78 -22.98 -12.56
CA ILE E 4 -14.12 -21.68 -12.64
C ILE E 4 -15.02 -20.72 -13.41
N GLN E 5 -14.82 -19.43 -13.16
CA GLN E 5 -15.47 -18.36 -13.90
C GLN E 5 -14.48 -17.74 -14.88
N ILE E 6 -14.88 -17.65 -16.14
CA ILE E 6 -14.09 -17.03 -17.20
C ILE E 6 -14.75 -15.73 -17.58
N PRO E 7 -14.12 -14.58 -17.40
CA PRO E 7 -14.75 -13.32 -17.76
C PRO E 7 -14.93 -13.19 -19.28
N TYR E 8 -16.00 -12.51 -19.66
CA TYR E 8 -16.25 -12.24 -21.06
C TYR E 8 -16.78 -10.82 -21.19
N THR E 9 -16.64 -10.26 -22.38
CA THR E 9 -17.23 -8.95 -22.67
C THR E 9 -17.94 -9.03 -24.01
N ILE E 10 -18.93 -8.17 -24.18
CA ILE E 10 -19.75 -8.16 -25.40
C ILE E 10 -19.83 -6.74 -25.90
N THR E 11 -19.50 -6.57 -27.18
CA THR E 11 -19.69 -5.31 -27.89
C THR E 11 -20.63 -5.57 -29.06
N VAL E 12 -21.71 -4.81 -29.12
CA VAL E 12 -22.68 -4.85 -30.21
C VAL E 12 -22.81 -3.46 -30.77
N ASN E 13 -22.64 -3.30 -32.08
CA ASN E 13 -22.80 -2.01 -32.74
C ASN E 13 -21.97 -0.93 -32.03
N GLY E 14 -20.82 -1.32 -31.50
CA GLY E 14 -19.91 -0.40 -30.84
C GLY E 14 -20.17 -0.11 -29.38
N THR E 15 -21.18 -0.71 -28.75
CA THR E 15 -21.48 -0.42 -27.35
C THR E 15 -21.27 -1.66 -26.50
N SER E 16 -20.83 -1.47 -25.26
CA SER E 16 -20.50 -2.58 -24.38
C SER E 16 -21.05 -2.28 -22.99
N GLN E 17 -21.90 -3.16 -22.46
CA GLN E 17 -22.41 -2.95 -21.12
C GLN E 17 -21.26 -2.92 -20.13
N ASN E 18 -21.37 -2.07 -19.12
CA ASN E 18 -20.35 -1.99 -18.07
C ASN E 18 -20.58 -2.99 -16.93
N ILE E 19 -21.04 -4.16 -17.26
CA ILE E 19 -21.21 -5.25 -16.30
C ILE E 19 -19.92 -6.05 -16.25
N LEU E 20 -19.62 -6.68 -15.11
CA LEU E 20 -18.50 -7.61 -15.00
C LEU E 20 -19.07 -9.03 -15.08
N SER E 21 -19.00 -9.65 -16.26
CA SER E 21 -19.71 -10.91 -16.46
C SER E 21 -18.74 -12.05 -16.72
N SER E 22 -19.13 -13.25 -16.29
CA SER E 22 -18.29 -14.44 -16.37
C SER E 22 -19.13 -15.64 -16.78
N LEU E 23 -18.48 -16.59 -17.44
CA LEU E 23 -19.07 -17.87 -17.79
C LEU E 23 -18.55 -18.96 -16.85
N THR E 24 -19.41 -19.92 -16.55
CA THR E 24 -19.03 -21.09 -15.76
C THR E 24 -18.44 -22.16 -16.66
N PHE E 25 -17.26 -22.65 -16.30
CA PHE E 25 -16.64 -23.80 -16.94
C PHE E 25 -16.19 -24.80 -15.88
N ASN E 26 -16.07 -26.06 -16.28
CA ASN E 26 -15.41 -27.05 -15.44
C ASN E 26 -13.91 -26.77 -15.43
N LYS E 27 -13.28 -26.94 -14.27
CA LYS E 27 -11.85 -26.77 -14.17
C LYS E 27 -11.12 -27.88 -14.93
N ASN E 28 -10.02 -27.52 -15.61
CA ASN E 28 -9.10 -28.49 -16.19
C ASN E 28 -9.81 -29.52 -17.06
N GLN E 29 -10.63 -29.03 -18.00
CA GLN E 29 -11.38 -29.91 -18.88
C GLN E 29 -11.09 -29.55 -20.33
N ASN E 30 -10.97 -30.57 -21.18
CA ASN E 30 -10.80 -30.34 -22.60
C ASN E 30 -12.15 -30.14 -23.26
N ILE E 31 -12.31 -29.01 -23.95
CA ILE E 31 -13.55 -28.67 -24.61
C ILE E 31 -13.23 -28.27 -26.04
N SER E 32 -14.26 -28.20 -26.86
CA SER E 32 -14.13 -27.86 -28.27
C SER E 32 -14.57 -26.43 -28.50
N TYR E 33 -14.24 -25.92 -29.69
CA TYR E 33 -14.66 -24.57 -30.01
C TYR E 33 -16.17 -24.46 -30.20
N LYS E 34 -16.84 -25.58 -30.54
CA LYS E 34 -18.29 -25.59 -30.55
C LYS E 34 -18.86 -25.41 -29.15
N ASP E 35 -18.20 -25.97 -28.13
CA ASP E 35 -18.64 -25.75 -26.74
C ASP E 35 -18.58 -24.26 -26.39
N ILE E 36 -17.52 -23.58 -26.81
CA ILE E 36 -17.40 -22.16 -26.51
C ILE E 36 -18.41 -21.35 -27.33
N GLU E 37 -18.54 -21.66 -28.61
CA GLU E 37 -19.50 -20.95 -29.45
C GLU E 37 -20.90 -21.00 -28.83
N ASN E 38 -21.30 -22.17 -28.33
CA ASN E 38 -22.62 -22.30 -27.70
C ASN E 38 -22.75 -21.39 -26.49
N LYS E 39 -21.73 -21.36 -25.63
CA LYS E 39 -21.75 -20.44 -24.50
C LYS E 39 -21.74 -19.00 -24.97
N VAL E 40 -20.98 -18.71 -26.03
CA VAL E 40 -20.91 -17.36 -26.58
C VAL E 40 -22.28 -16.94 -27.08
N LYS E 41 -22.96 -17.80 -27.84
CA LYS E 41 -24.28 -17.45 -28.32
C LYS E 41 -25.26 -17.33 -27.17
N SER E 42 -25.07 -18.11 -26.10
CA SER E 42 -25.96 -18.04 -24.95
C SER E 42 -25.89 -16.67 -24.27
N VAL E 43 -24.67 -16.18 -23.99
CA VAL E 43 -24.59 -14.89 -23.32
C VAL E 43 -24.87 -13.73 -24.26
N LEU E 44 -24.69 -13.92 -25.57
CA LEU E 44 -25.08 -12.90 -26.53
C LEU E 44 -26.58 -12.66 -26.50
N TYR E 45 -27.35 -13.73 -26.46
CA TYR E 45 -28.79 -13.56 -26.39
C TYR E 45 -29.21 -13.07 -25.00
N PHE E 46 -28.61 -13.61 -23.95
CA PHE E 46 -29.01 -13.25 -22.59
C PHE E 46 -28.74 -11.78 -22.28
N ASN E 47 -27.59 -11.26 -22.70
CA ASN E 47 -27.21 -9.90 -22.36
C ASN E 47 -27.70 -8.85 -23.34
N ARG E 48 -27.80 -9.19 -24.62
CA ARG E 48 -28.09 -8.17 -25.63
C ARG E 48 -29.19 -8.58 -26.61
N GLY E 49 -29.83 -9.73 -26.44
CA GLY E 49 -30.92 -10.11 -27.33
C GLY E 49 -30.51 -10.37 -28.75
N ILE E 50 -29.27 -10.81 -28.97
CA ILE E 50 -28.78 -11.24 -30.28
C ILE E 50 -28.82 -12.77 -30.29
N SER E 51 -29.64 -13.34 -31.16
CA SER E 51 -29.80 -14.77 -31.28
C SER E 51 -29.08 -15.28 -32.53
N ASP E 52 -29.20 -16.58 -32.79
CA ASP E 52 -28.68 -17.15 -34.03
C ASP E 52 -29.23 -16.45 -35.26
N ILE E 53 -30.46 -15.95 -35.18
CA ILE E 53 -31.05 -15.23 -36.30
C ILE E 53 -30.31 -13.92 -36.55
N ASP E 54 -30.05 -13.17 -35.47
CA ASP E 54 -29.43 -11.86 -35.62
C ASP E 54 -28.01 -11.96 -36.16
N LEU E 55 -27.30 -13.04 -35.85
CA LEU E 55 -25.94 -13.21 -36.35
C LEU E 55 -25.93 -13.52 -37.84
N ARG E 56 -26.90 -14.31 -38.30
CA ARG E 56 -26.99 -14.61 -39.73
C ARG E 56 -27.17 -13.33 -40.53
N LEU E 57 -28.00 -12.41 -40.03
CA LEU E 57 -28.22 -11.13 -40.69
C LEU E 57 -27.09 -10.15 -40.44
N SER E 58 -26.32 -10.34 -39.38
CA SER E 58 -25.31 -9.38 -38.97
C SER E 58 -24.29 -9.16 -40.08
N LYS E 59 -23.62 -8.00 -40.02
CA LYS E 59 -22.62 -7.66 -41.02
C LYS E 59 -21.29 -8.34 -40.73
N GLN E 60 -20.78 -8.21 -39.51
CA GLN E 60 -19.64 -9.00 -39.07
C GLN E 60 -19.85 -9.39 -37.62
N ALA E 61 -19.49 -10.63 -37.28
CA ALA E 61 -19.60 -11.11 -35.92
C ALA E 61 -18.45 -12.07 -35.65
N GLU E 62 -17.77 -11.86 -34.53
CA GLU E 62 -16.66 -12.73 -34.16
C GLU E 62 -16.58 -12.79 -32.66
N TYR E 63 -15.96 -13.86 -32.17
CA TYR E 63 -15.52 -13.88 -30.78
C TYR E 63 -14.03 -14.25 -30.75
N THR E 64 -13.37 -13.79 -29.71
CA THR E 64 -11.93 -13.99 -29.53
C THR E 64 -11.71 -14.69 -28.20
N VAL E 65 -11.00 -15.80 -28.22
CA VAL E 65 -10.59 -16.49 -27.01
C VAL E 65 -9.20 -16.00 -26.66
N HIS E 66 -9.07 -15.29 -25.54
CA HIS E 66 -7.77 -14.86 -25.06
C HIS E 66 -7.19 -15.92 -24.14
N PHE E 67 -5.97 -16.35 -24.43
CA PHE E 67 -5.35 -17.38 -23.60
C PHE E 67 -4.39 -16.75 -22.60
N LYS E 68 -4.22 -17.45 -21.47
CA LYS E 68 -3.32 -16.99 -20.41
C LYS E 68 -1.89 -16.85 -20.89
N ASN E 69 -1.46 -17.63 -21.88
CA ASN E 69 -0.08 -17.47 -22.34
C ASN E 69 0.11 -16.29 -23.29
N GLY E 70 -0.92 -15.45 -23.50
CA GLY E 70 -0.78 -14.27 -24.32
C GLY E 70 -1.23 -14.42 -25.77
N THR E 71 -1.50 -15.62 -26.22
CA THR E 71 -2.03 -15.83 -27.56
C THR E 71 -3.55 -15.66 -27.57
N LYS E 72 -4.11 -15.63 -28.76
CA LYS E 72 -5.55 -15.52 -28.90
C LYS E 72 -5.97 -16.15 -30.22
N ARG E 73 -7.24 -16.52 -30.31
CA ARG E 73 -7.77 -17.10 -31.53
C ARG E 73 -9.07 -16.39 -31.85
N VAL E 74 -9.15 -15.82 -33.04
CA VAL E 74 -10.35 -15.10 -33.47
C VAL E 74 -11.16 -16.07 -34.31
N ILE E 75 -12.46 -16.16 -34.03
CA ILE E 75 -13.35 -17.13 -34.64
C ILE E 75 -14.55 -16.41 -35.24
N ASP E 76 -14.78 -16.62 -36.52
CA ASP E 76 -15.91 -16.00 -37.21
C ASP E 76 -17.21 -16.66 -36.80
N LEU E 77 -18.18 -15.85 -36.37
CA LEU E 77 -19.48 -16.40 -35.98
C LEU E 77 -20.44 -16.55 -37.15
N LYS E 78 -20.16 -15.89 -38.29
CA LYS E 78 -20.93 -16.12 -39.50
C LYS E 78 -20.45 -17.33 -40.28
N SER E 79 -19.22 -17.79 -40.04
CA SER E 79 -18.64 -18.86 -40.82
C SER E 79 -18.43 -20.10 -39.96
N ASP E 85 -8.81 -29.19 -33.05
CA ASP E 85 -8.00 -28.88 -31.86
C ASP E 85 -8.91 -28.61 -30.66
N LEU E 86 -8.63 -29.29 -29.55
CA LEU E 86 -9.34 -29.07 -28.30
C LEU E 86 -8.49 -28.24 -27.36
N ILE E 87 -9.16 -27.48 -26.50
CA ILE E 87 -8.48 -26.55 -25.61
C ILE E 87 -8.91 -26.81 -24.17
N ASN E 88 -8.02 -26.50 -23.25
CA ASN E 88 -8.22 -26.79 -21.85
C ASN E 88 -8.72 -25.53 -21.17
N THR E 89 -9.78 -25.68 -20.37
CA THR E 89 -10.43 -24.53 -19.73
C THR E 89 -9.47 -23.78 -18.82
N SER E 90 -8.53 -24.49 -18.20
CA SER E 90 -7.59 -23.80 -17.33
C SER E 90 -6.63 -22.89 -18.08
N ASP E 91 -6.59 -22.94 -19.42
CA ASP E 91 -5.73 -22.07 -20.22
C ASP E 91 -6.43 -20.78 -20.71
N ILE E 92 -7.76 -20.68 -20.58
CA ILE E 92 -8.50 -19.55 -21.13
C ILE E 92 -8.45 -18.39 -20.15
N LYS E 93 -8.09 -17.21 -20.65
CA LYS E 93 -8.06 -16.03 -19.80
C LYS E 93 -9.37 -15.25 -19.87
N ALA E 94 -9.90 -15.05 -21.07
CA ALA E 94 -11.10 -14.25 -21.25
C ALA E 94 -11.64 -14.46 -22.65
N ILE E 95 -12.91 -14.13 -22.83
CA ILE E 95 -13.54 -14.22 -24.14
C ILE E 95 -14.12 -12.86 -24.48
N SER E 96 -13.87 -12.37 -25.68
CA SER E 96 -14.46 -11.12 -26.12
C SER E 96 -15.32 -11.41 -27.34
N VAL E 97 -16.43 -10.67 -27.46
CA VAL E 97 -17.40 -10.90 -28.52
C VAL E 97 -17.66 -9.57 -29.18
N ASN E 98 -17.73 -9.58 -30.50
CA ASN E 98 -18.02 -8.36 -31.24
C ASN E 98 -19.02 -8.67 -32.33
N VAL E 99 -20.18 -8.00 -32.30
CA VAL E 99 -21.16 -8.10 -33.36
C VAL E 99 -21.44 -6.70 -33.93
N ASP E 100 -21.49 -6.60 -35.25
CA ASP E 100 -21.93 -5.36 -35.89
C ASP E 100 -23.19 -5.56 -36.73
N SER F 2 21.68 17.96 16.15
CA SER F 2 21.15 18.66 17.33
C SER F 2 20.08 19.68 16.97
N THR F 3 19.73 19.77 15.69
CA THR F 3 18.73 20.72 15.23
C THR F 3 17.60 19.99 14.52
N ILE F 4 16.48 20.70 14.39
CA ILE F 4 15.27 20.20 13.73
C ILE F 4 14.81 21.30 12.78
N GLN F 5 14.05 20.88 11.76
CA GLN F 5 13.38 21.79 10.85
C GLN F 5 11.89 21.84 11.18
N ILE F 6 11.37 23.03 11.43
CA ILE F 6 9.95 23.22 11.73
C ILE F 6 9.30 23.92 10.53
N PRO F 7 8.35 23.28 9.87
CA PRO F 7 7.74 23.89 8.67
C PRO F 7 6.92 25.13 9.01
N TYR F 8 6.92 26.08 8.08
CA TYR F 8 6.14 27.29 8.27
C TYR F 8 5.47 27.64 6.95
N THR F 9 4.36 28.34 7.03
CA THR F 9 3.64 28.84 5.86
C THR F 9 3.34 30.31 6.08
N ILE F 10 3.25 31.06 4.99
CA ILE F 10 3.04 32.51 5.08
C ILE F 10 1.90 32.87 4.15
N THR F 11 0.92 33.59 4.68
CA THR F 11 -0.16 34.13 3.86
C THR F 11 -0.16 35.63 3.98
N VAL F 12 -0.19 36.32 2.86
CA VAL F 12 -0.23 37.78 2.85
C VAL F 12 -1.29 38.18 1.86
N ASN F 13 -2.24 39.00 2.31
CA ASN F 13 -3.33 39.48 1.46
C ASN F 13 -4.01 38.32 0.75
N GLY F 14 -4.18 37.21 1.46
CA GLY F 14 -4.90 36.07 0.94
C GLY F 14 -4.15 35.16 0.00
N THR F 15 -2.85 35.37 -0.22
CA THR F 15 -2.07 34.53 -1.12
C THR F 15 -0.91 33.89 -0.37
N SER F 16 -0.58 32.66 -0.75
CA SER F 16 0.44 31.89 -0.05
C SER F 16 1.27 31.17 -1.09
N GLN F 17 2.59 31.37 -1.06
CA GLN F 17 3.48 30.73 -2.01
C GLN F 17 3.45 29.23 -1.80
N ASN F 18 3.57 28.48 -2.88
CA ASN F 18 3.57 27.02 -2.78
C ASN F 18 4.93 26.43 -2.50
N ILE F 19 5.74 27.10 -1.72
CA ILE F 19 7.07 26.65 -1.33
C ILE F 19 6.92 25.79 -0.09
N LEU F 20 7.84 24.85 0.10
CA LEU F 20 7.91 24.08 1.34
C LEU F 20 9.08 24.64 2.13
N SER F 21 8.79 25.37 3.19
CA SER F 21 9.81 26.16 3.87
C SER F 21 9.85 25.81 5.34
N SER F 22 11.06 25.74 5.88
CA SER F 22 11.31 25.29 7.25
C SER F 22 12.18 26.28 7.98
N LEU F 23 11.99 26.35 9.30
CA LEU F 23 12.84 27.09 10.23
C LEU F 23 13.72 26.12 11.00
N THR F 24 14.98 26.48 11.19
CA THR F 24 15.92 25.68 11.97
C THR F 24 15.81 26.02 13.45
N PHE F 25 15.59 24.99 14.28
CA PHE F 25 15.60 25.12 15.73
C PHE F 25 16.49 24.03 16.33
N ASN F 26 16.98 24.28 17.54
CA ASN F 26 17.69 23.24 18.27
C ASN F 26 16.70 22.27 18.90
N LYS F 27 17.08 20.99 18.91
CA LYS F 27 16.25 19.96 19.53
C LYS F 27 16.10 20.22 21.02
N ASN F 28 14.88 20.02 21.53
CA ASN F 28 14.63 19.91 22.97
C ASN F 28 15.13 21.14 23.73
N GLN F 29 14.79 22.31 23.23
CA GLN F 29 15.22 23.55 23.87
C GLN F 29 14.02 24.36 24.30
N ASN F 30 14.10 24.97 25.49
CA ASN F 30 13.07 25.88 25.96
C ASN F 30 13.37 27.27 25.41
N ILE F 31 12.48 27.78 24.56
CA ILE F 31 12.61 29.12 24.01
C ILE F 31 11.35 29.91 24.34
N SER F 32 11.46 31.24 24.22
CA SER F 32 10.35 32.13 24.49
C SER F 32 9.66 32.49 23.17
N TYR F 33 8.61 33.29 23.28
CA TYR F 33 7.90 33.72 22.08
C TYR F 33 8.67 34.79 21.32
N LYS F 34 9.45 35.61 22.02
CA LYS F 34 10.34 36.54 21.31
C LYS F 34 11.33 35.80 20.43
N ASP F 35 11.80 34.62 20.87
CA ASP F 35 12.70 33.81 20.06
C ASP F 35 12.03 33.38 18.75
N ILE F 36 10.74 33.03 18.81
CA ILE F 36 10.02 32.61 17.61
C ILE F 36 9.69 33.80 16.72
N GLU F 37 9.33 34.94 17.31
CA GLU F 37 8.93 36.11 16.53
C GLU F 37 10.08 36.61 15.67
N ASN F 38 11.29 36.72 16.24
CA ASN F 38 12.44 37.15 15.45
C ASN F 38 12.69 36.21 14.27
N LYS F 39 12.37 34.93 14.41
CA LYS F 39 12.48 34.02 13.27
C LYS F 39 11.32 34.20 12.30
N VAL F 40 10.14 34.51 12.82
CA VAL F 40 8.98 34.75 11.95
C VAL F 40 9.18 36.01 11.14
N LYS F 41 9.58 37.11 11.80
CA LYS F 41 9.86 38.34 11.07
C LYS F 41 11.00 38.15 10.07
N SER F 42 11.92 37.22 10.34
CA SER F 42 13.03 36.97 9.43
C SER F 42 12.54 36.33 8.13
N VAL F 43 11.72 35.28 8.23
CA VAL F 43 11.21 34.63 7.03
C VAL F 43 10.10 35.44 6.37
N LEU F 44 9.37 36.27 7.12
CA LEU F 44 8.42 37.20 6.52
C LEU F 44 9.14 38.19 5.60
N TYR F 45 10.29 38.69 6.04
CA TYR F 45 11.03 39.63 5.20
C TYR F 45 11.68 38.92 4.02
N PHE F 46 12.32 37.78 4.25
CA PHE F 46 12.97 37.07 3.15
C PHE F 46 11.98 36.65 2.08
N ASN F 47 10.82 36.13 2.49
CA ASN F 47 9.89 35.53 1.53
C ASN F 47 8.93 36.53 0.89
N ARG F 48 8.43 37.48 1.68
CA ARG F 48 7.41 38.38 1.15
C ARG F 48 7.77 39.85 1.31
N GLY F 49 9.02 40.16 1.65
CA GLY F 49 9.46 41.54 1.70
C GLY F 49 8.82 42.38 2.79
N ILE F 50 8.22 41.76 3.80
CA ILE F 50 7.48 42.48 4.84
C ILE F 50 8.37 42.58 6.07
N SER F 51 8.57 43.81 6.55
CA SER F 51 9.27 44.06 7.81
C SER F 51 8.33 44.79 8.77
N ASP F 52 8.90 45.29 9.86
CA ASP F 52 8.08 45.84 10.94
C ASP F 52 7.19 46.98 10.47
N ILE F 53 7.70 47.83 9.58
CA ILE F 53 6.91 48.95 9.08
C ILE F 53 5.63 48.45 8.39
N ASP F 54 5.75 47.39 7.58
CA ASP F 54 4.60 46.86 6.86
C ASP F 54 3.56 46.25 7.80
N LEU F 55 4.00 45.62 8.89
CA LEU F 55 3.04 45.07 9.84
C LEU F 55 2.24 46.17 10.53
N ARG F 56 2.88 47.30 10.83
CA ARG F 56 2.15 48.40 11.48
C ARG F 56 1.20 49.10 10.52
N LEU F 57 1.47 49.05 9.22
CA LEU F 57 0.57 49.59 8.23
C LEU F 57 -0.53 48.61 7.83
N SER F 58 -0.31 47.31 8.04
CA SER F 58 -1.31 46.31 7.71
C SER F 58 -2.49 46.37 8.68
N LYS F 59 -3.57 45.67 8.30
CA LYS F 59 -4.80 45.72 9.10
C LYS F 59 -4.74 44.76 10.28
N GLN F 60 -4.42 43.50 10.03
CA GLN F 60 -4.21 42.54 11.09
C GLN F 60 -3.06 41.62 10.69
N ALA F 61 -2.32 41.18 11.70
CA ALA F 61 -1.15 40.35 11.46
C ALA F 61 -0.92 39.46 12.67
N GLU F 62 -0.62 38.20 12.41
CA GLU F 62 -0.55 37.23 13.48
C GLU F 62 0.28 36.05 13.00
N TYR F 63 0.83 35.32 13.95
CA TYR F 63 1.36 34.00 13.68
C TYR F 63 0.77 33.04 14.68
N THR F 64 0.66 31.79 14.25
CA THR F 64 0.05 30.72 15.03
C THR F 64 1.07 29.62 15.18
N VAL F 65 1.36 29.22 16.40
CA VAL F 65 2.21 28.06 16.64
C VAL F 65 1.29 26.85 16.82
N HIS F 66 1.41 25.88 15.94
CA HIS F 66 0.69 24.61 16.05
C HIS F 66 1.55 23.59 16.78
N PHE F 67 0.98 22.93 17.77
CA PHE F 67 1.73 22.00 18.60
C PHE F 67 1.36 20.55 18.29
N LYS F 68 2.29 19.65 18.59
CA LYS F 68 2.08 18.25 18.29
C LYS F 68 0.90 17.67 19.03
N ASN F 69 0.63 18.13 20.26
CA ASN F 69 -0.54 17.62 20.96
C ASN F 69 -1.86 18.12 20.37
N GLY F 70 -1.82 18.90 19.29
CA GLY F 70 -3.03 19.36 18.65
C GLY F 70 -3.56 20.70 19.12
N THR F 71 -2.93 21.31 20.11
CA THR F 71 -3.30 22.66 20.49
C THR F 71 -2.59 23.65 19.58
N LYS F 72 -2.96 24.92 19.71
CA LYS F 72 -2.34 25.99 18.94
C LYS F 72 -2.36 27.23 19.80
N ARG F 73 -1.46 28.16 19.51
CA ARG F 73 -1.41 29.45 20.18
C ARG F 73 -1.31 30.53 19.10
N VAL F 74 -2.25 31.48 19.11
CA VAL F 74 -2.29 32.56 18.13
C VAL F 74 -1.69 33.81 18.78
N ILE F 75 -0.68 34.41 18.15
CA ILE F 75 0.07 35.51 18.73
C ILE F 75 -0.03 36.72 17.84
N ASP F 76 -0.41 37.86 18.41
CA ASP F 76 -0.62 39.08 17.65
C ASP F 76 0.73 39.70 17.27
N LEU F 77 0.87 40.10 16.01
CA LEU F 77 2.07 40.80 15.57
C LEU F 77 1.95 42.31 15.63
N LYS F 78 0.75 42.84 15.87
CA LYS F 78 0.53 44.28 15.95
C LYS F 78 0.52 44.81 17.37
N SER F 79 0.45 43.93 18.36
CA SER F 79 0.40 44.37 19.76
C SER F 79 1.55 43.75 20.56
N ASP F 85 5.61 33.17 28.90
CA ASP F 85 5.61 31.73 28.65
C ASP F 85 6.85 31.29 27.89
N LEU F 86 7.18 30.00 28.02
CA LEU F 86 8.23 29.39 27.24
C LEU F 86 7.67 28.14 26.56
N ILE F 87 8.28 27.77 25.44
CA ILE F 87 7.88 26.60 24.68
C ILE F 87 9.10 25.73 24.48
N ASN F 88 8.88 24.41 24.48
CA ASN F 88 9.91 23.46 24.11
C ASN F 88 9.81 23.18 22.62
N THR F 89 10.95 23.30 21.93
CA THR F 89 10.97 23.19 20.47
C THR F 89 10.50 21.83 19.98
N SER F 90 10.63 20.79 20.80
CA SER F 90 10.17 19.49 20.30
C SER F 90 8.65 19.32 20.36
N ASP F 91 7.93 20.24 21.01
CA ASP F 91 6.47 20.23 20.99
C ASP F 91 5.88 20.91 19.75
N ILE F 92 6.66 21.71 19.03
CA ILE F 92 6.15 22.50 17.91
C ILE F 92 5.99 21.62 16.67
N LYS F 93 4.77 21.57 16.13
CA LYS F 93 4.51 20.87 14.87
C LYS F 93 4.70 21.78 13.65
N ALA F 94 4.22 23.02 13.69
CA ALA F 94 4.32 23.90 12.52
C ALA F 94 3.98 25.32 12.95
N ILE F 95 4.27 26.27 12.07
CA ILE F 95 3.99 27.68 12.31
C ILE F 95 3.29 28.27 11.09
N SER F 96 2.24 29.06 11.31
CA SER F 96 1.59 29.72 10.20
C SER F 96 1.56 31.22 10.48
N VAL F 97 1.76 32.02 9.44
CA VAL F 97 1.79 33.47 9.55
C VAL F 97 0.75 34.04 8.61
N ASN F 98 0.00 35.02 9.08
CA ASN F 98 -1.02 35.64 8.25
C ASN F 98 -0.98 37.14 8.45
N VAL F 99 -0.81 37.88 7.35
CA VAL F 99 -0.80 39.34 7.36
C VAL F 99 -1.84 39.82 6.36
N ASP F 100 -2.64 40.80 6.78
CA ASP F 100 -3.62 41.40 5.87
C ASP F 100 -3.24 42.85 5.54
N SER G 2 17.88 -10.93 -40.91
CA SER G 2 19.15 -10.80 -41.63
C SER G 2 20.23 -11.78 -41.15
N THR G 3 19.89 -12.63 -40.18
CA THR G 3 20.81 -13.66 -39.70
C THR G 3 20.20 -15.05 -39.93
N ILE G 4 21.08 -16.04 -40.03
CA ILE G 4 20.67 -17.43 -40.18
C ILE G 4 21.39 -18.26 -39.13
N GLN G 5 20.78 -19.40 -38.80
CA GLN G 5 21.35 -20.37 -37.87
C GLN G 5 21.87 -21.54 -38.68
N ILE G 6 23.15 -21.85 -38.53
CA ILE G 6 23.81 -22.95 -39.21
C ILE G 6 24.10 -24.05 -38.20
N PRO G 7 23.54 -25.24 -38.37
CA PRO G 7 23.71 -26.29 -37.37
C PRO G 7 25.14 -26.81 -37.35
N TYR G 8 25.60 -27.17 -36.16
CA TYR G 8 26.92 -27.77 -36.06
C TYR G 8 26.85 -28.94 -35.09
N THR G 9 27.78 -29.88 -35.25
CA THR G 9 27.88 -31.02 -34.34
C THR G 9 29.33 -31.13 -33.89
N ILE G 10 29.53 -31.68 -32.70
CA ILE G 10 30.87 -31.79 -32.13
C ILE G 10 31.08 -33.20 -31.62
N THR G 11 32.16 -33.83 -32.06
CA THR G 11 32.59 -35.13 -31.57
C THR G 11 33.95 -34.96 -30.94
N VAL G 12 34.08 -35.32 -29.67
CA VAL G 12 35.37 -35.29 -28.97
C VAL G 12 35.61 -36.69 -28.41
N ASN G 13 36.73 -37.31 -28.80
CA ASN G 13 37.09 -38.64 -28.33
C ASN G 13 35.97 -39.64 -28.59
N GLY G 14 35.34 -39.52 -29.75
CA GLY G 14 34.30 -40.42 -30.19
C GLY G 14 32.94 -40.24 -29.56
N THR G 15 32.68 -39.15 -28.83
CA THR G 15 31.38 -38.96 -28.22
C THR G 15 30.80 -37.61 -28.64
N SER G 16 29.47 -37.56 -28.74
CA SER G 16 28.82 -36.37 -29.28
C SER G 16 27.56 -36.10 -28.48
N GLN G 17 27.45 -34.90 -27.91
CA GLN G 17 26.25 -34.56 -27.17
C GLN G 17 25.03 -34.62 -28.07
N ASN G 18 23.90 -35.02 -27.48
CA ASN G 18 22.64 -35.04 -28.24
C ASN G 18 21.93 -33.70 -28.23
N ILE G 19 22.68 -32.64 -28.26
CA ILE G 19 22.11 -31.30 -28.28
C ILE G 19 21.89 -30.92 -29.75
N LEU G 20 20.92 -30.04 -30.01
CA LEU G 20 20.70 -29.49 -31.36
C LEU G 20 21.26 -28.08 -31.34
N SER G 21 22.45 -27.88 -31.89
CA SER G 21 23.18 -26.63 -31.68
C SER G 21 23.44 -25.96 -33.01
N SER G 22 23.35 -24.63 -33.03
CA SER G 22 23.56 -23.92 -34.27
C SER G 22 24.35 -22.64 -34.01
N LEU G 23 24.94 -22.14 -35.08
CA LEU G 23 25.74 -20.93 -35.08
C LEU G 23 24.99 -19.81 -35.78
N THR G 24 25.11 -18.60 -35.25
CA THR G 24 24.53 -17.45 -35.90
C THR G 24 25.50 -16.92 -36.95
N PHE G 25 25.01 -16.77 -38.17
CA PHE G 25 25.73 -16.10 -39.25
C PHE G 25 24.83 -15.04 -39.84
N ASN G 26 25.44 -14.08 -40.54
CA ASN G 26 24.68 -13.13 -41.33
C ASN G 26 24.27 -13.75 -42.65
N LYS G 27 23.10 -13.35 -43.12
CA LYS G 27 22.61 -13.84 -44.41
C LYS G 27 23.45 -13.26 -45.54
N ASN G 28 23.72 -14.11 -46.54
CA ASN G 28 24.30 -13.67 -47.81
C ASN G 28 25.55 -12.83 -47.64
N GLN G 29 26.52 -13.35 -46.89
CA GLN G 29 27.75 -12.63 -46.63
C GLN G 29 28.95 -13.50 -46.99
N ASN G 30 29.93 -12.89 -47.65
CA ASN G 30 31.21 -13.57 -47.89
C ASN G 30 32.08 -13.45 -46.65
N ILE G 31 32.46 -14.59 -46.07
CA ILE G 31 33.32 -14.65 -44.90
C ILE G 31 34.51 -15.55 -45.22
N SER G 32 35.48 -15.56 -44.33
CA SER G 32 36.72 -16.28 -44.54
C SER G 32 36.74 -17.56 -43.71
N TYR G 33 37.75 -18.39 -43.96
CA TYR G 33 37.87 -19.59 -43.13
C TYR G 33 38.32 -19.25 -41.73
N LYS G 34 39.06 -18.14 -41.56
CA LYS G 34 39.40 -17.69 -40.22
C LYS G 34 38.15 -17.32 -39.43
N ASP G 35 37.19 -16.66 -40.08
CA ASP G 35 35.91 -16.34 -39.43
C ASP G 35 35.23 -17.60 -38.95
N ILE G 36 35.10 -18.60 -39.83
CA ILE G 36 34.47 -19.87 -39.44
C ILE G 36 35.24 -20.51 -38.31
N GLU G 37 36.57 -20.55 -38.42
CA GLU G 37 37.39 -21.22 -37.42
C GLU G 37 37.19 -20.60 -36.03
N ASN G 38 37.13 -19.27 -35.95
CA ASN G 38 36.91 -18.64 -34.65
C ASN G 38 35.57 -19.05 -34.05
N LYS G 39 34.53 -19.15 -34.88
CA LYS G 39 33.25 -19.64 -34.36
C LYS G 39 33.35 -21.11 -33.94
N VAL G 40 34.09 -21.92 -34.70
CA VAL G 40 34.27 -23.33 -34.36
C VAL G 40 34.98 -23.47 -33.02
N LYS G 41 36.08 -22.75 -32.83
CA LYS G 41 36.79 -22.86 -31.55
C LYS G 41 35.95 -22.34 -30.40
N SER G 42 35.08 -21.36 -30.67
CA SER G 42 34.20 -20.84 -29.64
C SER G 42 33.23 -21.90 -29.14
N VAL G 43 32.61 -22.66 -30.06
CA VAL G 43 31.64 -23.65 -29.57
C VAL G 43 32.31 -24.92 -29.06
N LEU G 44 33.49 -25.24 -29.57
CA LEU G 44 34.32 -26.31 -29.01
C LEU G 44 34.57 -26.08 -27.52
N TYR G 45 34.97 -24.86 -27.15
CA TYR G 45 35.21 -24.57 -25.73
C TYR G 45 33.91 -24.51 -24.94
N PHE G 46 32.90 -23.83 -25.48
CA PHE G 46 31.64 -23.68 -24.75
C PHE G 46 30.97 -25.02 -24.48
N ASN G 47 30.95 -25.92 -25.47
CA ASN G 47 30.24 -27.19 -25.28
C ASN G 47 31.10 -28.27 -24.64
N ARG G 48 32.40 -28.30 -24.93
CA ARG G 48 33.19 -29.44 -24.49
C ARG G 48 34.45 -29.03 -23.74
N GLY G 49 34.63 -27.74 -23.46
CA GLY G 49 35.79 -27.30 -22.72
C GLY G 49 37.11 -27.52 -23.43
N ILE G 50 37.09 -27.65 -24.76
CA ILE G 50 38.30 -27.83 -25.57
C ILE G 50 38.75 -26.46 -26.05
N SER G 51 39.88 -26.01 -25.55
CA SER G 51 40.46 -24.72 -25.90
C SER G 51 41.56 -24.92 -26.94
N ASP G 52 42.14 -23.81 -27.40
CA ASP G 52 43.26 -23.90 -28.34
C ASP G 52 44.43 -24.66 -27.72
N ILE G 53 44.57 -24.60 -26.39
CA ILE G 53 45.62 -25.37 -25.72
C ILE G 53 45.40 -26.87 -25.93
N ASP G 54 44.17 -27.32 -25.73
CA ASP G 54 43.84 -28.72 -25.93
C ASP G 54 43.95 -29.13 -27.40
N LEU G 55 43.62 -28.22 -28.32
CA LEU G 55 43.77 -28.57 -29.73
C LEU G 55 45.22 -28.88 -30.08
N ARG G 56 46.16 -28.11 -29.55
CA ARG G 56 47.57 -28.32 -29.87
C ARG G 56 48.08 -29.66 -29.35
N LEU G 57 47.56 -30.11 -28.20
CA LEU G 57 47.97 -31.38 -27.62
C LEU G 57 47.19 -32.57 -28.17
N SER G 58 46.13 -32.34 -28.93
CA SER G 58 45.32 -33.43 -29.43
C SER G 58 46.05 -34.18 -30.54
N LYS G 59 45.65 -35.42 -30.76
CA LYS G 59 46.22 -36.21 -31.86
C LYS G 59 45.75 -35.69 -33.20
N GLN G 60 44.43 -35.53 -33.36
CA GLN G 60 43.84 -35.00 -34.57
C GLN G 60 42.74 -34.03 -34.20
N ALA G 61 42.59 -32.99 -34.99
CA ALA G 61 41.43 -32.12 -34.84
C ALA G 61 41.16 -31.49 -36.19
N GLU G 62 39.88 -31.42 -36.53
CA GLU G 62 39.50 -30.91 -37.83
C GLU G 62 38.06 -30.45 -37.71
N TYR G 63 37.68 -29.56 -38.62
CA TYR G 63 36.27 -29.29 -38.82
C TYR G 63 35.97 -29.42 -40.31
N THR G 64 34.72 -29.79 -40.61
CA THR G 64 34.26 -29.95 -41.97
C THR G 64 33.14 -28.96 -42.22
N VAL G 65 33.23 -28.19 -43.28
CA VAL G 65 32.11 -27.36 -43.73
C VAL G 65 31.40 -28.16 -44.81
N HIS G 66 30.14 -28.53 -44.54
CA HIS G 66 29.28 -29.14 -45.55
C HIS G 66 28.50 -28.06 -46.30
N PHE G 67 28.51 -28.12 -47.62
CA PHE G 67 27.85 -27.11 -48.43
C PHE G 67 26.55 -27.66 -49.02
N LYS G 68 25.65 -26.73 -49.35
CA LYS G 68 24.33 -27.14 -49.84
C LYS G 68 24.42 -27.87 -51.16
N ASN G 69 25.40 -27.54 -52.01
CA ASN G 69 25.53 -28.25 -53.27
C ASN G 69 26.10 -29.66 -53.11
N GLY G 70 26.35 -30.12 -51.88
CA GLY G 70 26.80 -31.48 -51.63
C GLY G 70 28.29 -31.67 -51.51
N THR G 71 29.09 -30.62 -51.72
CA THR G 71 30.53 -30.68 -51.51
C THR G 71 30.84 -30.43 -50.03
N LYS G 72 32.09 -30.68 -49.64
CA LYS G 72 32.51 -30.33 -48.29
C LYS G 72 33.97 -29.95 -48.32
N ARG G 73 34.40 -29.21 -47.31
CA ARG G 73 35.82 -28.92 -47.15
C ARG G 73 36.25 -29.28 -45.73
N VAL G 74 37.29 -30.10 -45.63
CA VAL G 74 37.85 -30.52 -44.35
C VAL G 74 39.03 -29.62 -44.04
N ILE G 75 38.99 -28.98 -42.88
CA ILE G 75 40.01 -28.00 -42.47
C ILE G 75 40.67 -28.51 -41.21
N ASP G 76 41.99 -28.65 -41.24
CA ASP G 76 42.75 -29.12 -40.09
C ASP G 76 42.84 -28.01 -39.04
N LEU G 77 42.55 -28.36 -37.79
CA LEU G 77 42.66 -27.44 -36.66
C LEU G 77 44.01 -27.51 -35.95
N LYS G 78 44.99 -28.23 -36.52
CA LYS G 78 46.36 -28.22 -36.02
C LYS G 78 47.31 -27.61 -37.05
N SER G 79 46.79 -26.74 -37.90
CA SER G 79 47.56 -26.16 -38.98
C SER G 79 47.26 -24.67 -39.12
N ASP G 85 40.67 -18.62 -50.43
CA ASP G 85 39.27 -18.80 -50.79
C ASP G 85 38.34 -18.19 -49.73
N LEU G 86 37.19 -17.70 -50.18
CA LEU G 86 36.13 -17.22 -49.30
C LEU G 86 34.85 -17.98 -49.62
N ILE G 87 33.93 -17.99 -48.66
CA ILE G 87 32.66 -18.68 -48.84
C ILE G 87 31.51 -17.78 -48.41
N ASN G 88 30.36 -18.01 -49.04
CA ASN G 88 29.14 -17.26 -48.78
C ASN G 88 28.25 -18.05 -47.82
N THR G 89 27.75 -17.37 -46.80
CA THR G 89 27.02 -18.07 -45.73
C THR G 89 25.76 -18.74 -46.24
N SER G 90 25.21 -18.29 -47.37
CA SER G 90 24.01 -18.93 -47.90
C SER G 90 24.31 -20.30 -48.48
N ASP G 91 25.59 -20.60 -48.78
CA ASP G 91 26.01 -21.90 -49.32
C ASP G 91 26.25 -22.96 -48.24
N ILE G 92 26.40 -22.57 -46.98
CA ILE G 92 26.77 -23.50 -45.92
C ILE G 92 25.54 -24.28 -45.47
N LYS G 93 25.68 -25.60 -45.40
CA LYS G 93 24.59 -26.43 -44.91
C LYS G 93 24.77 -26.80 -43.44
N ALA G 94 25.98 -27.15 -43.04
CA ALA G 94 26.22 -27.60 -41.67
C ALA G 94 27.72 -27.67 -41.45
N ILE G 95 28.12 -27.71 -40.19
CA ILE G 95 29.54 -27.78 -39.82
C ILE G 95 29.71 -28.94 -38.85
N SER G 96 30.70 -29.78 -39.07
CA SER G 96 30.99 -30.81 -38.08
C SER G 96 32.42 -30.66 -37.58
N VAL G 97 32.62 -31.01 -36.32
CA VAL G 97 33.92 -30.85 -35.67
C VAL G 97 34.25 -32.18 -35.03
N ASN G 98 35.49 -32.60 -35.18
CA ASN G 98 35.98 -33.85 -34.61
C ASN G 98 37.33 -33.60 -33.97
N VAL G 99 37.46 -33.98 -32.70
CA VAL G 99 38.73 -33.85 -31.99
C VAL G 99 39.06 -35.18 -31.33
N ASP G 100 40.30 -35.62 -31.48
CA ASP G 100 40.83 -36.78 -30.75
C ASP G 100 42.04 -36.41 -29.90
N SER H 2 -25.43 18.74 31.47
CA SER H 2 -26.61 18.64 32.32
C SER H 2 -26.35 17.81 33.57
N THR H 3 -25.09 17.43 33.79
CA THR H 3 -24.71 16.66 34.96
C THR H 3 -23.63 17.40 35.72
N ILE H 4 -23.41 16.98 36.96
CA ILE H 4 -22.39 17.57 37.81
C ILE H 4 -21.69 16.46 38.58
N GLN H 5 -20.49 16.76 39.05
CA GLN H 5 -19.71 15.83 39.87
C GLN H 5 -19.78 16.28 41.32
N ILE H 6 -20.15 15.37 42.21
CA ILE H 6 -20.19 15.63 43.65
C ILE H 6 -19.07 14.84 44.28
N PRO H 7 -18.10 15.48 44.91
CA PRO H 7 -16.99 14.74 45.51
C PRO H 7 -17.44 13.94 46.73
N TYR H 8 -16.78 12.79 46.92
CA TYR H 8 -17.04 11.97 48.09
C TYR H 8 -15.72 11.49 48.66
N THR H 9 -15.73 11.20 49.96
CA THR H 9 -14.59 10.54 50.60
C THR H 9 -15.08 9.31 51.36
N ILE H 10 -14.18 8.34 51.54
CA ILE H 10 -14.53 7.09 52.19
C ILE H 10 -13.47 6.81 53.26
N THR H 11 -13.92 6.62 54.50
CA THR H 11 -13.06 6.11 55.56
C THR H 11 -13.59 4.76 56.01
N VAL H 12 -12.68 3.79 56.12
CA VAL H 12 -13.00 2.45 56.62
C VAL H 12 -11.91 2.09 57.60
N ASN H 13 -12.31 1.73 58.82
CA ASN H 13 -11.39 1.34 59.89
C ASN H 13 -10.27 2.37 60.07
N GLY H 14 -10.65 3.65 60.07
CA GLY H 14 -9.71 4.73 60.33
C GLY H 14 -8.80 5.07 59.19
N THR H 15 -9.11 4.59 57.99
CA THR H 15 -8.20 4.64 56.86
C THR H 15 -8.91 5.22 55.64
N SER H 16 -8.27 6.15 54.92
CA SER H 16 -8.93 6.85 53.81
C SER H 16 -7.97 7.02 52.64
N GLN H 17 -8.33 6.47 51.47
CA GLN H 17 -7.47 6.60 50.29
C GLN H 17 -7.32 8.06 49.89
N ASN H 18 -6.13 8.44 49.42
CA ASN H 18 -5.90 9.83 49.01
C ASN H 18 -6.34 10.10 47.58
N ILE H 19 -7.43 9.50 47.18
CA ILE H 19 -7.95 9.67 45.83
C ILE H 19 -8.90 10.86 45.84
N LEU H 20 -9.08 11.51 44.70
CA LEU H 20 -10.07 12.58 44.56
C LEU H 20 -11.19 12.02 43.71
N SER H 21 -12.27 11.61 44.36
CA SER H 21 -13.31 10.84 43.69
C SER H 21 -14.63 11.61 43.75
N SER H 22 -15.42 11.51 42.70
CA SER H 22 -16.69 12.23 42.66
C SER H 22 -17.75 11.31 42.10
N LEU H 23 -19.00 11.66 42.34
CA LEU H 23 -20.17 10.95 41.84
C LEU H 23 -20.90 11.79 40.82
N THR H 24 -21.46 11.13 39.81
CA THR H 24 -22.24 11.81 38.78
C THR H 24 -23.69 11.97 39.24
N PHE H 25 -24.18 13.20 39.19
CA PHE H 25 -25.59 13.51 39.45
C PHE H 25 -26.13 14.36 38.31
N ASN H 26 -27.44 14.37 38.16
CA ASN H 26 -28.08 15.32 37.26
C ASN H 26 -28.17 16.68 37.96
N LYS H 27 -28.00 17.73 37.17
CA LYS H 27 -28.15 19.09 37.69
C LYS H 27 -29.59 19.31 38.15
N ASN H 28 -29.73 20.00 39.27
CA ASN H 28 -31.02 20.57 39.67
C ASN H 28 -32.13 19.51 39.66
N GLN H 29 -31.83 18.34 40.19
CA GLN H 29 -32.82 17.27 40.28
C GLN H 29 -33.16 17.03 41.74
N ASN H 30 -34.44 16.89 42.04
CA ASN H 30 -34.86 16.52 43.39
C ASN H 30 -34.73 15.02 43.53
N ILE H 31 -33.97 14.56 44.53
CA ILE H 31 -33.72 13.14 44.70
C ILE H 31 -34.00 12.76 46.16
N SER H 32 -34.07 11.45 46.39
CA SER H 32 -34.34 10.93 47.72
C SER H 32 -33.04 10.47 48.37
N TYR H 33 -33.11 10.24 49.68
CA TYR H 33 -31.92 9.72 50.35
C TYR H 33 -31.61 8.30 49.87
N LYS H 34 -32.63 7.51 49.53
CA LYS H 34 -32.34 6.19 48.98
C LYS H 34 -31.57 6.27 47.68
N ASP H 35 -31.78 7.34 46.90
CA ASP H 35 -30.97 7.59 45.71
C ASP H 35 -29.50 7.76 46.07
N ILE H 36 -29.22 8.47 47.16
CA ILE H 36 -27.85 8.73 47.56
C ILE H 36 -27.22 7.49 48.21
N GLU H 37 -27.98 6.77 49.03
CA GLU H 37 -27.50 5.51 49.59
C GLU H 37 -27.08 4.56 48.48
N ASN H 38 -27.87 4.47 47.41
CA ASN H 38 -27.52 3.56 46.31
C ASN H 38 -26.18 3.93 45.69
N LYS H 39 -25.89 5.23 45.57
CA LYS H 39 -24.60 5.65 45.04
C LYS H 39 -23.50 5.46 46.07
N VAL H 40 -23.81 5.66 47.35
CA VAL H 40 -22.84 5.41 48.42
C VAL H 40 -22.42 3.96 48.44
N LYS H 41 -23.39 3.06 48.34
CA LYS H 41 -23.06 1.64 48.31
C LYS H 41 -22.31 1.26 47.03
N SER H 42 -22.59 1.93 45.91
CA SER H 42 -21.82 1.65 44.71
C SER H 42 -20.34 1.97 44.91
N VAL H 43 -20.05 3.14 45.51
CA VAL H 43 -18.64 3.54 45.65
C VAL H 43 -17.97 2.82 46.81
N LEU H 44 -18.70 2.49 47.88
CA LEU H 44 -18.11 1.66 48.93
C LEU H 44 -17.62 0.33 48.38
N TYR H 45 -18.37 -0.26 47.45
CA TYR H 45 -17.96 -1.53 46.87
C TYR H 45 -16.83 -1.34 45.86
N PHE H 46 -16.94 -0.37 44.95
CA PHE H 46 -15.88 -0.18 43.96
C PHE H 46 -14.56 0.20 44.62
N ASN H 47 -14.60 0.97 45.70
CA ASN H 47 -13.34 1.48 46.25
C ASN H 47 -12.76 0.62 47.37
N ARG H 48 -13.61 0.07 48.25
CA ARG H 48 -13.07 -0.65 49.39
C ARG H 48 -13.63 -2.06 49.53
N GLY H 49 -14.32 -2.58 48.51
CA GLY H 49 -14.83 -3.93 48.59
C GLY H 49 -15.88 -4.14 49.67
N ILE H 50 -16.61 -3.09 50.03
CA ILE H 50 -17.63 -3.12 51.07
C ILE H 50 -19.00 -3.17 50.38
N SER H 51 -19.78 -4.21 50.63
CA SER H 51 -21.18 -4.22 50.22
C SER H 51 -22.07 -4.30 51.46
N ASP H 52 -23.37 -4.52 51.23
CA ASP H 52 -24.34 -4.48 52.33
C ASP H 52 -23.96 -5.45 53.46
N ILE H 53 -23.47 -6.66 53.11
CA ILE H 53 -23.13 -7.63 54.14
C ILE H 53 -22.06 -7.09 55.09
N ASP H 54 -21.11 -6.30 54.57
CA ASP H 54 -20.03 -5.78 55.39
C ASP H 54 -20.51 -4.70 56.35
N LEU H 55 -21.49 -3.90 55.94
CA LEU H 55 -22.02 -2.87 56.82
C LEU H 55 -22.76 -3.47 58.00
N ARG H 56 -23.44 -4.60 57.78
CA ARG H 56 -24.13 -5.30 58.85
C ARG H 56 -23.14 -5.83 59.88
N LEU H 57 -22.00 -6.35 59.40
CA LEU H 57 -20.97 -6.87 60.29
C LEU H 57 -20.20 -5.75 60.99
N SER H 58 -20.01 -4.61 60.31
CA SER H 58 -19.29 -3.50 60.89
C SER H 58 -20.01 -2.98 62.14
N LYS H 59 -19.23 -2.34 63.02
CA LYS H 59 -19.78 -1.85 64.29
C LYS H 59 -20.68 -0.63 64.06
N GLN H 60 -20.17 0.38 63.36
CA GLN H 60 -20.99 1.53 63.01
C GLN H 60 -20.66 1.98 61.61
N ALA H 61 -21.68 2.45 60.89
CA ALA H 61 -21.50 2.84 59.50
C ALA H 61 -22.52 3.91 59.15
N GLU H 62 -22.03 4.99 58.56
CA GLU H 62 -22.89 6.14 58.31
C GLU H 62 -22.34 6.85 57.09
N TYR H 63 -23.21 7.59 56.41
CA TYR H 63 -22.74 8.56 55.43
C TYR H 63 -23.27 9.93 55.82
N THR H 64 -22.55 10.95 55.41
CA THR H 64 -22.93 12.33 55.73
C THR H 64 -23.07 13.11 54.43
N VAL H 65 -24.22 13.73 54.24
CA VAL H 65 -24.40 14.66 53.12
C VAL H 65 -24.06 16.06 53.60
N HIS H 66 -23.01 16.64 53.03
CA HIS H 66 -22.64 18.01 53.34
C HIS H 66 -23.28 18.94 52.31
N PHE H 67 -23.97 19.97 52.79
CA PHE H 67 -24.68 20.90 51.92
C PHE H 67 -23.94 22.21 51.77
N LYS H 68 -24.16 22.86 50.62
CA LYS H 68 -23.48 24.13 50.33
C LYS H 68 -23.82 25.20 51.35
N ASN H 69 -25.02 25.17 51.94
CA ASN H 69 -25.34 26.20 52.92
C ASN H 69 -24.71 25.95 54.28
N GLY H 70 -23.86 24.93 54.42
CA GLY H 70 -23.11 24.70 55.63
C GLY H 70 -23.72 23.69 56.58
N THR H 71 -24.94 23.23 56.33
CA THR H 71 -25.54 22.20 57.16
C THR H 71 -25.10 20.82 56.67
N LYS H 72 -25.41 19.82 57.48
CA LYS H 72 -25.12 18.47 57.05
C LYS H 72 -26.18 17.55 57.64
N ARG H 73 -26.26 16.35 57.07
CA ARG H 73 -27.21 15.35 57.52
C ARG H 73 -26.47 14.03 57.62
N VAL H 74 -26.49 13.40 58.80
CA VAL H 74 -25.83 12.13 59.02
C VAL H 74 -26.87 11.03 58.94
N ILE H 75 -26.65 10.06 58.06
CA ILE H 75 -27.62 9.00 57.77
C ILE H 75 -26.99 7.68 58.18
N ASP H 76 -27.64 6.97 59.10
CA ASP H 76 -27.13 5.68 59.55
C ASP H 76 -27.33 4.64 58.46
N LEU H 77 -26.27 3.88 58.16
CA LEU H 77 -26.33 2.83 57.16
C LEU H 77 -26.72 1.47 57.73
N LYS H 78 -26.75 1.34 59.06
CA LYS H 78 -27.15 0.09 59.68
C LYS H 78 -28.63 0.02 60.01
N SER H 79 -29.30 1.18 60.10
CA SER H 79 -30.73 1.23 60.37
C SER H 79 -31.45 2.07 59.31
N ASP H 85 -37.96 13.30 53.33
CA ASP H 85 -37.34 14.47 52.71
C ASP H 85 -36.85 14.19 51.30
N LEU H 86 -36.81 15.23 50.49
CA LEU H 86 -36.16 15.19 49.18
C LEU H 86 -35.13 16.29 49.14
N ILE H 87 -34.00 16.04 48.47
CA ILE H 87 -32.96 17.04 48.40
C ILE H 87 -32.63 17.31 46.94
N ASN H 88 -32.20 18.54 46.68
CA ASN H 88 -31.89 18.99 45.33
C ASN H 88 -30.39 18.88 45.13
N THR H 89 -30.00 18.23 44.02
CA THR H 89 -28.59 17.94 43.77
C THR H 89 -27.76 19.22 43.70
N SER H 90 -28.36 20.35 43.33
CA SER H 90 -27.59 21.59 43.31
C SER H 90 -27.20 22.05 44.71
N ASP H 91 -27.86 21.55 45.77
CA ASP H 91 -27.52 21.93 47.13
C ASP H 91 -26.41 21.08 47.75
N ILE H 92 -26.07 19.94 47.16
CA ILE H 92 -25.11 19.03 47.77
C ILE H 92 -23.69 19.53 47.51
N LYS H 93 -22.91 19.71 48.58
CA LYS H 93 -21.51 20.06 48.44
C LYS H 93 -20.58 18.85 48.37
N ALA H 94 -20.79 17.85 49.23
CA ALA H 94 -19.91 16.68 49.28
C ALA H 94 -20.60 15.60 50.09
N ILE H 95 -20.08 14.38 49.98
CA ILE H 95 -20.59 13.22 50.70
C ILE H 95 -19.40 12.54 51.38
N SER H 96 -19.54 12.20 52.65
CA SER H 96 -18.50 11.47 53.34
C SER H 96 -19.09 10.20 53.92
N VAL H 97 -18.30 9.12 53.89
CA VAL H 97 -18.76 7.81 54.31
C VAL H 97 -17.79 7.32 55.36
N ASN H 98 -18.31 6.79 56.46
CA ASN H 98 -17.45 6.26 57.49
C ASN H 98 -17.97 4.91 57.95
N VAL H 99 -17.16 3.87 57.79
CA VAL H 99 -17.46 2.53 58.27
C VAL H 99 -16.40 2.12 59.29
N ASP H 100 -16.83 1.49 60.37
CA ASP H 100 -15.89 1.01 61.38
C ASP H 100 -15.96 -0.51 61.55
#